data_3ZJX
#
_entry.id   3ZJX
#
_cell.length_a   123.709
_cell.length_b   123.709
_cell.length_c   127.314
_cell.angle_alpha   90.00
_cell.angle_beta   90.00
_cell.angle_gamma   120.00
#
_symmetry.space_group_name_H-M   'P 3'
#
loop_
_entity.id
_entity.type
_entity.pdbx_description
1 polymer EPSILON-TOXIN
2 non-polymer 'octyl beta-D-glucopyranoside'
3 non-polymer 'PHOSPHATE ION'
4 water water
#
_entity_poly.entity_id   1
_entity_poly.type   'polypeptide(L)'
_entity_poly.pdbx_seq_one_letter_code
;GAMASYDNVDTLIEKGRYNTKYNYLKRMEKYYPNAMAYFDKVTINPQGNDFYINNPKVELDGEPSMNYLEDVYVGKALLT
NDTQQEQKLKSQSFTCKNTDTVTATTTHTVGTSIQATAKFTVPFNETGVSLTTSYSFANTNTNTNSKEITANVPSQDILV
PANTTVEVIAYLKKVNVKGNVKLVGQVSGSEWGEIPSYLAFPRDGYKFSLSDTVNKSDLNEDGTININGKGNYSAVMGDE
LIVKVRNLNTNNVQEYVIPVDKIEGRKEKSNDSNIVKYRSLSIKAPGIK
;
_entity_poly.pdbx_strand_id   A,B,C,D
#
loop_
_chem_comp.id
_chem_comp.type
_chem_comp.name
_chem_comp.formula
BOG D-saccharide 'octyl beta-D-glucopyranoside' 'C14 H28 O6'
PO4 non-polymer 'PHOSPHATE ION' 'O4 P -3'
#
# COMPACT_ATOMS: atom_id res chain seq x y z
N ALA A 2 -12.23 -21.75 -39.78
CA ALA A 2 -10.92 -22.48 -39.92
C ALA A 2 -10.95 -23.78 -39.16
N MET A 3 -9.96 -24.62 -39.41
CA MET A 3 -9.90 -25.94 -38.81
C MET A 3 -9.31 -25.90 -37.40
N ALA A 4 -8.39 -24.98 -37.15
CA ALA A 4 -7.63 -24.99 -35.90
C ALA A 4 -8.43 -24.43 -34.72
N SER A 5 -8.09 -24.91 -33.53
CA SER A 5 -8.79 -24.55 -32.30
C SER A 5 -7.80 -24.58 -31.16
N TYR A 6 -7.88 -23.59 -30.27
CA TYR A 6 -6.91 -23.44 -29.19
C TYR A 6 -7.57 -23.73 -27.86
N ASP A 7 -6.80 -24.29 -26.92
CA ASP A 7 -7.35 -24.70 -25.63
C ASP A 7 -6.90 -23.79 -24.49
N ASN A 8 -6.12 -22.76 -24.80
CA ASN A 8 -5.63 -21.89 -23.76
C ASN A 8 -5.47 -20.44 -24.27
N VAL A 9 -6.47 -19.65 -23.97
CA VAL A 9 -6.49 -18.24 -24.30
C VAL A 9 -5.36 -17.46 -23.61
N ASP A 10 -4.99 -17.85 -22.40
CA ASP A 10 -3.91 -17.17 -21.64
C ASP A 10 -2.56 -17.29 -22.33
N THR A 11 -2.36 -18.38 -23.05
CA THR A 11 -1.13 -18.60 -23.79
C THR A 11 -1.01 -17.60 -24.93
N LEU A 12 -2.13 -17.31 -25.58
CA LEU A 12 -2.15 -16.34 -26.67
C LEU A 12 -1.92 -14.92 -26.14
N ILE A 13 -2.66 -14.57 -25.08
CA ILE A 13 -2.49 -13.27 -24.44
C ILE A 13 -1.02 -13.06 -24.08
N GLU A 14 -0.39 -14.07 -23.50
CA GLU A 14 1.04 -13.99 -23.12
C GLU A 14 2.00 -13.88 -24.30
N LYS A 15 1.60 -14.39 -25.46
CA LYS A 15 2.42 -14.31 -26.65
C LYS A 15 2.38 -12.88 -27.18
N GLY A 16 1.17 -12.32 -27.24
CA GLY A 16 0.97 -10.93 -27.65
C GLY A 16 1.77 -9.96 -26.82
N ARG A 17 1.77 -10.13 -25.49
CA ARG A 17 2.65 -9.36 -24.60
C ARG A 17 4.12 -9.61 -24.86
N TYR A 18 4.47 -10.87 -25.06
CA TYR A 18 5.86 -11.23 -25.34
C TYR A 18 6.31 -10.55 -26.62
N ASN A 19 5.46 -10.60 -27.65
CA ASN A 19 5.78 -9.99 -28.94
C ASN A 19 5.98 -8.51 -28.84
N THR A 20 5.12 -7.88 -28.05
CA THR A 20 5.15 -6.44 -27.83
C THR A 20 6.49 -6.06 -27.19
N LYS A 21 6.83 -6.68 -26.07
CA LYS A 21 8.14 -6.48 -25.45
C LYS A 21 9.28 -6.80 -26.41
N TYR A 22 9.12 -7.86 -27.19
CA TYR A 22 10.18 -8.32 -28.08
C TYR A 22 10.50 -7.29 -29.14
N ASN A 23 9.48 -6.83 -29.86
CA ASN A 23 9.64 -5.86 -30.93
C ASN A 23 10.16 -4.52 -30.42
N TYR A 24 9.79 -4.14 -29.21
CA TYR A 24 10.27 -2.92 -28.57
C TYR A 24 11.78 -2.96 -28.43
N LEU A 25 12.30 -4.12 -28.03
CA LEU A 25 13.74 -4.30 -27.87
C LEU A 25 14.46 -4.55 -29.18
N LYS A 26 13.87 -5.35 -30.05
CA LYS A 26 14.49 -5.67 -31.34
C LYS A 26 14.76 -4.39 -32.18
N ARG A 27 13.86 -3.41 -32.05
CA ARG A 27 14.01 -2.10 -32.69
C ARG A 27 15.29 -1.40 -32.23
N MET A 28 15.55 -1.48 -30.92
CA MET A 28 16.74 -0.87 -30.32
C MET A 28 18.03 -1.66 -30.56
N GLU A 29 17.90 -2.94 -30.94
CA GLU A 29 19.05 -3.85 -31.10
C GLU A 29 20.18 -3.30 -32.00
N LYS A 30 19.79 -2.55 -33.03
CA LYS A 30 20.77 -1.96 -33.95
C LYS A 30 21.66 -0.95 -33.21
N TYR A 31 21.08 -0.21 -32.29
CA TYR A 31 21.81 0.78 -31.50
C TYR A 31 22.54 0.14 -30.31
N TYR A 32 21.83 -0.71 -29.57
CA TYR A 32 22.41 -1.43 -28.44
C TYR A 32 22.38 -2.93 -28.78
N PRO A 33 23.54 -3.50 -29.18
CA PRO A 33 23.56 -4.90 -29.65
C PRO A 33 23.20 -5.96 -28.59
N ASN A 34 23.30 -5.59 -27.30
CA ASN A 34 22.93 -6.48 -26.20
C ASN A 34 21.54 -6.16 -25.63
N ALA A 35 20.68 -5.55 -26.44
CA ALA A 35 19.37 -5.07 -25.96
C ALA A 35 18.44 -6.20 -25.57
N MET A 36 18.48 -7.29 -26.33
CA MET A 36 17.61 -8.45 -26.10
C MET A 36 17.87 -9.11 -24.74
N ALA A 37 19.10 -8.99 -24.23
CA ALA A 37 19.47 -9.51 -22.91
C ALA A 37 18.74 -8.86 -21.75
N TYR A 38 18.06 -7.74 -22.02
CA TYR A 38 17.29 -7.02 -21.00
C TYR A 38 15.79 -7.37 -21.05
N PHE A 39 15.43 -8.41 -21.79
CA PHE A 39 14.03 -8.81 -21.94
C PHE A 39 13.28 -8.97 -20.62
N ASP A 40 13.95 -9.46 -19.60
CA ASP A 40 13.33 -9.70 -18.29
C ASP A 40 13.11 -8.42 -17.48
N LYS A 41 13.94 -7.42 -17.71
CA LYS A 41 13.85 -6.14 -16.98
C LYS A 41 12.72 -5.26 -17.49
N VAL A 42 12.39 -5.34 -18.78
CA VAL A 42 11.36 -4.46 -19.34
C VAL A 42 9.96 -4.79 -18.82
N THR A 43 9.29 -3.76 -18.31
CA THR A 43 7.95 -3.89 -17.76
C THR A 43 6.91 -3.75 -18.87
N ILE A 44 5.81 -4.48 -18.74
CA ILE A 44 4.65 -4.25 -19.58
C ILE A 44 3.43 -4.18 -18.67
N ASN A 45 2.62 -3.15 -18.86
CA ASN A 45 1.52 -2.84 -17.96
C ASN A 45 0.23 -2.86 -18.73
N PRO A 46 -0.49 -3.99 -18.70
CA PRO A 46 -1.79 -4.05 -19.34
C PRO A 46 -2.75 -3.12 -18.63
N GLN A 47 -3.59 -2.43 -19.37
CA GLN A 47 -4.50 -1.45 -18.78
C GLN A 47 -5.94 -1.82 -18.98
N GLY A 48 -6.26 -2.41 -20.14
CA GLY A 48 -7.61 -2.89 -20.39
C GLY A 48 -7.67 -3.92 -21.52
N ASN A 49 -8.87 -4.42 -21.77
CA ASN A 49 -9.12 -5.33 -22.88
C ASN A 49 -10.59 -5.37 -23.20
N ASP A 50 -10.93 -5.89 -24.36
CA ASP A 50 -12.31 -6.23 -24.67
C ASP A 50 -12.38 -7.65 -25.23
N PHE A 51 -11.58 -8.54 -24.65
CA PHE A 51 -11.58 -9.95 -25.05
C PHE A 51 -12.96 -10.53 -24.78
N TYR A 52 -13.55 -11.19 -25.77
CA TYR A 52 -14.90 -11.70 -25.67
C TYR A 52 -15.01 -13.08 -26.33
N ILE A 53 -15.81 -13.97 -25.73
CA ILE A 53 -16.04 -15.30 -26.29
C ILE A 53 -17.41 -15.30 -26.95
N ASN A 54 -17.41 -15.26 -28.29
CA ASN A 54 -18.65 -15.18 -29.07
C ASN A 54 -19.29 -16.54 -29.22
N ASN A 55 -20.61 -16.58 -29.05
CA ASN A 55 -21.41 -17.77 -29.28
C ASN A 55 -20.90 -18.99 -28.53
N PRO A 56 -20.74 -18.84 -27.20
CA PRO A 56 -20.30 -19.98 -26.41
C PRO A 56 -21.40 -21.03 -26.44
N LYS A 57 -21.04 -22.28 -26.71
CA LYS A 57 -22.03 -23.36 -26.64
C LYS A 57 -21.42 -24.65 -26.13
N VAL A 58 -22.29 -25.52 -25.64
CA VAL A 58 -21.89 -26.83 -25.17
C VAL A 58 -22.25 -27.84 -26.25
N GLU A 59 -21.33 -28.74 -26.54
CA GLU A 59 -21.55 -29.75 -27.57
C GLU A 59 -21.23 -31.10 -26.99
N LEU A 60 -22.05 -32.10 -27.31
CA LEU A 60 -21.79 -33.48 -26.90
C LEU A 60 -20.49 -33.91 -27.53
N ASP A 61 -19.68 -34.62 -26.76
CA ASP A 61 -18.39 -35.12 -27.22
C ASP A 61 -18.43 -36.62 -27.04
N GLY A 62 -18.94 -37.30 -28.06
CA GLY A 62 -19.22 -38.74 -27.97
C GLY A 62 -20.67 -38.92 -27.55
N GLU A 63 -21.20 -40.12 -27.77
CA GLU A 63 -22.58 -40.42 -27.42
C GLU A 63 -22.71 -40.57 -25.90
N PRO A 64 -23.83 -40.13 -25.32
CA PRO A 64 -24.07 -40.41 -23.92
C PRO A 64 -24.15 -41.92 -23.67
N SER A 65 -23.60 -42.35 -22.54
CA SER A 65 -23.76 -43.70 -22.07
C SER A 65 -24.97 -43.71 -21.14
N MET A 66 -25.78 -44.75 -21.25
CA MET A 66 -27.03 -44.85 -20.50
C MET A 66 -27.14 -46.19 -19.82
N ASN A 67 -27.29 -46.13 -18.51
CA ASN A 67 -27.39 -47.33 -17.69
C ASN A 67 -28.60 -47.20 -16.82
N TYR A 68 -29.32 -48.30 -16.69
CA TYR A 68 -30.41 -48.38 -15.74
C TYR A 68 -29.79 -48.43 -14.37
N LEU A 69 -30.36 -47.68 -13.43
CA LEU A 69 -29.92 -47.74 -12.06
C LEU A 69 -30.81 -48.71 -11.29
N GLU A 70 -30.44 -48.94 -10.04
CA GLU A 70 -31.23 -49.77 -9.16
C GLU A 70 -32.70 -49.21 -9.09
N ASP A 71 -33.67 -50.09 -9.27
CA ASP A 71 -35.10 -49.77 -9.24
C ASP A 71 -35.51 -49.24 -7.88
N VAL A 72 -36.40 -48.25 -7.87
CA VAL A 72 -36.97 -47.74 -6.61
C VAL A 72 -38.22 -48.56 -6.30
N TYR A 73 -38.19 -49.26 -5.18
CA TYR A 73 -39.33 -50.00 -4.69
C TYR A 73 -40.36 -49.06 -4.10
N VAL A 74 -41.57 -49.06 -4.66
CA VAL A 74 -42.62 -48.13 -4.26
C VAL A 74 -43.61 -48.78 -3.29
N GLY A 75 -44.03 -50.01 -3.58
CA GLY A 75 -44.94 -50.69 -2.68
C GLY A 75 -45.46 -52.02 -3.19
N LYS A 76 -46.21 -52.67 -2.30
CA LYS A 76 -46.71 -54.03 -2.43
C LYS A 76 -48.21 -53.99 -2.11
N ALA A 77 -49.00 -54.81 -2.79
CA ALA A 77 -50.40 -55.00 -2.41
C ALA A 77 -50.90 -56.37 -2.83
N LEU A 78 -51.99 -56.79 -2.19
CA LEU A 78 -52.64 -58.05 -2.52
C LEU A 78 -54.06 -57.75 -3.03
N LEU A 79 -54.52 -58.59 -3.94
CA LEU A 79 -55.89 -58.54 -4.43
C LEU A 79 -56.41 -59.95 -4.42
N THR A 80 -57.50 -60.19 -3.67
CA THR A 80 -57.98 -61.54 -3.41
C THR A 80 -59.34 -61.85 -4.06
N ASN A 81 -59.37 -62.91 -4.85
CA ASN A 81 -60.60 -63.38 -5.49
C ASN A 81 -61.03 -64.70 -4.89
N ASP A 82 -61.82 -64.65 -3.81
CA ASP A 82 -62.46 -65.85 -3.22
C ASP A 82 -63.86 -66.07 -3.80
N THR A 83 -63.89 -66.23 -5.12
CA THR A 83 -65.12 -66.32 -5.92
C THR A 83 -64.87 -67.45 -6.94
N GLN A 84 -65.94 -68.01 -7.52
CA GLN A 84 -65.85 -69.18 -8.42
C GLN A 84 -65.57 -68.80 -9.86
N GLN A 85 -65.59 -67.51 -10.15
CA GLN A 85 -65.27 -66.99 -11.49
C GLN A 85 -64.28 -65.80 -11.43
N GLU A 86 -63.77 -65.39 -12.58
CA GLU A 86 -62.80 -64.32 -12.61
C GLU A 86 -63.44 -62.99 -12.26
N GLN A 87 -62.65 -62.11 -11.65
CA GLN A 87 -63.16 -60.82 -11.17
C GLN A 87 -62.21 -59.68 -11.45
N LYS A 88 -62.81 -58.52 -11.72
CA LYS A 88 -62.09 -57.26 -11.87
C LYS A 88 -61.91 -56.67 -10.47
N LEU A 89 -60.71 -56.80 -9.92
CA LEU A 89 -60.37 -56.25 -8.61
C LEU A 89 -59.50 -54.97 -8.73
N LYS A 90 -59.80 -53.98 -7.89
CA LYS A 90 -59.17 -52.65 -7.98
C LYS A 90 -58.11 -52.47 -6.91
N SER A 91 -56.92 -52.03 -7.33
CA SER A 91 -55.86 -51.63 -6.41
C SER A 91 -56.20 -50.27 -5.81
N GLN A 92 -55.56 -49.95 -4.69
CA GLN A 92 -55.68 -48.60 -4.12
C GLN A 92 -54.86 -47.62 -4.95
N SER A 93 -55.33 -46.38 -5.05
CA SER A 93 -54.53 -45.35 -5.67
C SER A 93 -53.35 -44.99 -4.74
N PHE A 94 -52.29 -44.45 -5.31
CA PHE A 94 -51.10 -44.13 -4.52
C PHE A 94 -50.27 -43.00 -5.13
N THR A 95 -49.26 -42.56 -4.39
CA THR A 95 -48.31 -41.56 -4.87
C THR A 95 -46.92 -42.06 -4.64
N CYS A 96 -45.99 -41.56 -5.43
CA CYS A 96 -44.58 -41.70 -5.10
C CYS A 96 -43.81 -40.48 -5.62
N LYS A 97 -42.69 -40.21 -4.98
CA LYS A 97 -41.88 -39.05 -5.25
C LYS A 97 -40.52 -39.47 -5.76
N ASN A 98 -39.97 -38.70 -6.68
CA ASN A 98 -38.65 -38.95 -7.23
CA ASN A 98 -38.64 -38.99 -7.22
C ASN A 98 -37.99 -37.66 -7.66
N THR A 99 -36.67 -37.58 -7.51
CA THR A 99 -35.93 -36.38 -7.88
C THR A 99 -35.03 -36.65 -9.06
N ASP A 100 -35.24 -35.91 -10.14
CA ASP A 100 -34.35 -35.95 -11.29
C ASP A 100 -33.22 -34.97 -11.02
N THR A 101 -31.98 -35.40 -11.30
CA THR A 101 -30.82 -34.56 -11.03
C THR A 101 -29.87 -34.52 -12.20
N VAL A 102 -29.08 -33.46 -12.24
CA VAL A 102 -27.98 -33.35 -13.17
C VAL A 102 -26.84 -32.62 -12.48
N THR A 103 -25.63 -33.16 -12.65
CA THR A 103 -24.45 -32.48 -12.24
C THR A 103 -23.53 -32.33 -13.46
N ALA A 104 -22.84 -31.20 -13.55
CA ALA A 104 -22.01 -30.84 -14.70
C ALA A 104 -20.73 -30.15 -14.22
N THR A 105 -19.59 -30.61 -14.72
CA THR A 105 -18.29 -30.12 -14.29
C THR A 105 -17.39 -29.80 -15.49
N THR A 106 -16.82 -28.59 -15.49
CA THR A 106 -15.80 -28.23 -16.46
C THR A 106 -14.53 -28.92 -16.01
N THR A 107 -13.95 -29.74 -16.89
CA THR A 107 -12.76 -30.52 -16.57
C THR A 107 -11.49 -29.86 -17.12
N HIS A 108 -11.62 -29.16 -18.23
CA HIS A 108 -10.52 -28.44 -18.83
C HIS A 108 -11.04 -27.09 -19.33
N THR A 109 -10.63 -26.03 -18.63
CA THR A 109 -11.06 -24.68 -18.98
C THR A 109 -10.45 -24.30 -20.30
N VAL A 110 -10.86 -23.15 -20.82
CA VAL A 110 -10.26 -22.63 -22.03
C VAL A 110 -9.20 -21.54 -21.71
N GLY A 111 -8.67 -21.55 -20.49
CA GLY A 111 -7.81 -20.48 -19.98
C GLY A 111 -8.64 -19.58 -19.09
N THR A 112 -7.97 -18.88 -18.18
CA THR A 112 -8.66 -18.15 -17.11
C THR A 112 -9.13 -16.76 -17.48
N SER A 113 -8.54 -16.17 -18.51
CA SER A 113 -8.64 -14.71 -18.72
C SER A 113 -9.99 -14.21 -19.22
N ILE A 114 -10.75 -15.03 -19.92
CA ILE A 114 -12.03 -14.59 -20.49
C ILE A 114 -13.19 -15.42 -19.95
N GLN A 115 -14.15 -14.74 -19.32
CA GLN A 115 -15.33 -15.38 -18.75
C GLN A 115 -16.35 -15.71 -19.83
N ALA A 116 -17.02 -16.85 -19.69
CA ALA A 116 -18.15 -17.22 -20.54
C ALA A 116 -18.89 -18.40 -19.93
N THR A 117 -20.18 -18.45 -20.17
CA THR A 117 -20.95 -19.65 -19.78
C THR A 117 -21.90 -20.05 -20.88
N ALA A 118 -22.30 -21.32 -20.86
CA ALA A 118 -23.24 -21.84 -21.85
C ALA A 118 -24.14 -22.88 -21.22
N LYS A 119 -25.38 -22.94 -21.72
CA LYS A 119 -26.39 -23.85 -21.19
C LYS A 119 -26.24 -25.24 -21.76
N PHE A 120 -26.53 -26.23 -20.93
CA PHE A 120 -26.53 -27.62 -21.33
C PHE A 120 -27.85 -28.28 -20.93
N THR A 121 -28.54 -28.86 -21.92
CA THR A 121 -29.76 -29.64 -21.69
C THR A 121 -29.39 -31.13 -21.73
N VAL A 122 -29.74 -31.90 -20.70
CA VAL A 122 -29.34 -33.31 -20.73
C VAL A 122 -30.09 -33.98 -21.89
N PRO A 123 -29.39 -34.80 -22.67
CA PRO A 123 -29.97 -35.44 -23.85
C PRO A 123 -30.64 -36.78 -23.51
N PHE A 124 -31.36 -37.37 -24.47
CA PHE A 124 -32.15 -38.59 -24.21
C PHE A 124 -32.97 -38.44 -22.92
N ASN A 125 -33.76 -37.38 -22.85
CA ASN A 125 -34.52 -37.12 -21.65
C ASN A 125 -35.79 -37.99 -21.57
N GLU A 126 -36.75 -37.76 -22.46
CA GLU A 126 -37.97 -38.59 -22.58
C GLU A 126 -38.93 -38.56 -21.38
N THR A 127 -38.57 -37.90 -20.29
CA THR A 127 -39.44 -37.80 -19.12
C THR A 127 -40.53 -36.75 -19.30
N GLY A 128 -40.32 -35.83 -20.24
CA GLY A 128 -41.20 -34.70 -20.43
C GLY A 128 -40.91 -33.53 -19.49
N VAL A 129 -39.87 -33.67 -18.68
CA VAL A 129 -39.40 -32.57 -17.83
C VAL A 129 -37.95 -32.29 -18.22
N SER A 130 -37.73 -31.12 -18.84
CA SER A 130 -36.40 -30.75 -19.32
C SER A 130 -35.49 -30.44 -18.13
N LEU A 131 -34.24 -30.82 -18.24
CA LEU A 131 -33.29 -30.65 -17.15
C LEU A 131 -32.05 -29.97 -17.70
N THR A 132 -31.83 -28.73 -17.27
CA THR A 132 -30.78 -27.91 -17.80
C THR A 132 -29.82 -27.48 -16.70
N THR A 133 -28.55 -27.37 -17.06
CA THR A 133 -27.59 -26.71 -16.20
C THR A 133 -26.68 -25.82 -17.10
N SER A 134 -25.45 -25.56 -16.66
CA SER A 134 -24.55 -24.74 -17.47
C SER A 134 -23.11 -25.06 -17.17
N TYR A 135 -22.22 -24.61 -18.06
CA TYR A 135 -20.79 -24.78 -17.91
C TYR A 135 -20.08 -23.42 -17.90
N SER A 136 -19.10 -23.27 -17.00
CA SER A 136 -18.18 -22.12 -17.04
C SER A 136 -16.99 -22.45 -17.95
N PHE A 137 -16.63 -21.53 -18.82
CA PHE A 137 -15.47 -21.73 -19.68
C PHE A 137 -14.14 -21.46 -18.96
N ALA A 138 -14.15 -20.60 -17.94
CA ALA A 138 -12.89 -20.11 -17.36
C ALA A 138 -12.53 -20.79 -16.07
N ASN A 139 -13.51 -21.39 -15.39
CA ASN A 139 -13.26 -22.11 -14.14
C ASN A 139 -13.76 -23.56 -14.16
N THR A 140 -13.15 -24.40 -13.31
CA THR A 140 -13.48 -25.81 -13.20
C THR A 140 -14.62 -25.96 -12.18
N ASN A 141 -15.75 -25.31 -12.47
CA ASN A 141 -16.88 -25.35 -11.59
C ASN A 141 -17.75 -26.60 -11.78
N THR A 142 -18.60 -26.84 -10.79
CA THR A 142 -19.57 -27.93 -10.84
C THR A 142 -20.94 -27.31 -10.60
N ASN A 143 -21.83 -27.41 -11.59
CA ASN A 143 -23.20 -26.92 -11.47
C ASN A 143 -24.21 -28.07 -11.39
N THR A 144 -25.16 -27.95 -10.45
CA THR A 144 -26.18 -28.95 -10.29
C THR A 144 -27.54 -28.34 -10.56
N ASN A 145 -28.51 -29.21 -10.81
CA ASN A 145 -29.90 -28.82 -10.83
C ASN A 145 -30.70 -30.05 -10.51
N SER A 146 -31.93 -29.85 -10.04
CA SER A 146 -32.79 -30.98 -9.76
C SER A 146 -34.25 -30.60 -9.86
N LYS A 147 -35.11 -31.60 -10.06
CA LYS A 147 -36.54 -31.41 -10.17
C LYS A 147 -37.23 -32.55 -9.46
N GLU A 148 -38.06 -32.22 -8.48
CA GLU A 148 -38.82 -33.22 -7.73
C GLU A 148 -40.09 -33.52 -8.51
N ILE A 149 -40.35 -34.80 -8.72
CA ILE A 149 -41.55 -35.26 -9.42
C ILE A 149 -42.40 -36.09 -8.49
N THR A 150 -43.69 -35.76 -8.40
CA THR A 150 -44.63 -36.57 -7.64
C THR A 150 -45.56 -37.30 -8.60
N ALA A 151 -45.63 -38.61 -8.46
CA ALA A 151 -46.50 -39.42 -9.29
C ALA A 151 -47.80 -39.67 -8.56
N ASN A 152 -48.93 -39.31 -9.18
CA ASN A 152 -50.26 -39.72 -8.72
C ASN A 152 -50.76 -40.87 -9.60
N VAL A 153 -50.85 -42.05 -9.00
CA VAL A 153 -51.18 -43.25 -9.75
C VAL A 153 -52.56 -43.69 -9.32
N PRO A 154 -53.51 -43.72 -10.28
CA PRO A 154 -54.86 -44.10 -9.88
C PRO A 154 -54.96 -45.59 -9.60
N SER A 155 -56.12 -45.95 -9.06
CA SER A 155 -56.52 -47.34 -8.91
C SER A 155 -56.33 -48.06 -10.24
N GLN A 156 -55.79 -49.27 -10.20
CA GLN A 156 -55.66 -50.13 -11.38
C GLN A 156 -56.64 -51.31 -11.33
N ASP A 157 -57.20 -51.68 -12.48
CA ASP A 157 -58.11 -52.83 -12.55
C ASP A 157 -57.33 -54.07 -12.88
N ILE A 158 -57.39 -55.08 -12.03
CA ILE A 158 -56.66 -56.30 -12.28
C ILE A 158 -57.64 -57.48 -12.36
N LEU A 159 -57.64 -58.18 -13.50
CA LEU A 159 -58.49 -59.37 -13.66
C LEU A 159 -57.78 -60.49 -12.98
N VAL A 160 -58.40 -61.04 -11.95
CA VAL A 160 -57.84 -62.14 -11.18
C VAL A 160 -58.63 -63.42 -11.44
N PRO A 161 -57.94 -64.54 -11.68
CA PRO A 161 -58.69 -65.78 -11.87
C PRO A 161 -59.44 -66.17 -10.59
N ALA A 162 -60.36 -67.13 -10.74
CA ALA A 162 -61.16 -67.63 -9.64
C ALA A 162 -60.28 -68.28 -8.59
N ASN A 163 -60.63 -68.11 -7.32
CA ASN A 163 -59.90 -68.70 -6.19
C ASN A 163 -58.40 -68.43 -6.23
N THR A 164 -58.06 -67.16 -6.36
CA THR A 164 -56.68 -66.75 -6.49
C THR A 164 -56.47 -65.42 -5.81
N THR A 165 -55.40 -65.35 -5.02
CA THR A 165 -54.87 -64.08 -4.56
C THR A 165 -53.67 -63.74 -5.44
N VAL A 166 -53.63 -62.50 -5.92
CA VAL A 166 -52.44 -61.97 -6.59
C VAL A 166 -51.70 -61.00 -5.71
N GLU A 167 -50.38 -60.93 -5.90
CA GLU A 167 -49.54 -59.96 -5.23
C GLU A 167 -49.04 -59.01 -6.28
N VAL A 168 -49.20 -57.71 -6.04
CA VAL A 168 -48.81 -56.69 -6.99
C VAL A 168 -47.67 -55.87 -6.37
N ILE A 169 -46.59 -55.65 -7.14
CA ILE A 169 -45.46 -54.82 -6.70
C ILE A 169 -45.30 -53.66 -7.66
N ALA A 170 -45.20 -52.43 -7.16
CA ALA A 170 -44.90 -51.29 -8.00
C ALA A 170 -43.45 -50.87 -7.77
N TYR A 171 -42.73 -50.54 -8.85
CA TYR A 171 -41.41 -49.96 -8.73
C TYR A 171 -41.14 -48.99 -9.87
N LEU A 172 -40.17 -48.10 -9.65
CA LEU A 172 -39.85 -47.06 -10.63
C LEU A 172 -38.46 -47.35 -11.18
N LYS A 173 -38.34 -47.42 -12.49
CA LYS A 173 -37.03 -47.57 -13.10
C LYS A 173 -36.35 -46.21 -13.12
N LYS A 174 -35.03 -46.24 -13.05
CA LYS A 174 -34.25 -45.03 -13.13
C LYS A 174 -33.11 -45.23 -14.11
N VAL A 175 -32.83 -44.19 -14.89
CA VAL A 175 -31.72 -44.21 -15.83
C VAL A 175 -30.66 -43.15 -15.45
N ASN A 176 -29.41 -43.53 -15.63
CA ASN A 176 -28.28 -42.63 -15.51
C ASN A 176 -27.76 -42.33 -16.90
N VAL A 177 -27.73 -41.06 -17.26
CA VAL A 177 -27.20 -40.58 -18.54
C VAL A 177 -25.91 -39.79 -18.26
N LYS A 178 -24.78 -40.32 -18.73
CA LYS A 178 -23.43 -39.81 -18.47
C LYS A 178 -22.73 -39.59 -19.78
N GLY A 179 -21.81 -38.63 -19.81
CA GLY A 179 -20.99 -38.39 -20.97
C GLY A 179 -20.13 -37.14 -20.89
N ASN A 180 -19.45 -36.86 -21.99
CA ASN A 180 -18.56 -35.73 -22.07
C ASN A 180 -19.12 -34.69 -23.00
N VAL A 181 -18.65 -33.45 -22.81
CA VAL A 181 -19.00 -32.33 -23.66
C VAL A 181 -17.75 -31.54 -24.03
N LYS A 182 -17.85 -30.78 -25.11
CA LYS A 182 -16.82 -29.86 -25.49
C LYS A 182 -17.44 -28.48 -25.37
N LEU A 183 -16.68 -27.54 -24.80
CA LEU A 183 -17.10 -26.14 -24.68
C LEU A 183 -16.43 -25.36 -25.80
N VAL A 184 -17.20 -24.80 -26.70
CA VAL A 184 -16.64 -24.14 -27.87
C VAL A 184 -17.14 -22.71 -27.98
N GLY A 185 -16.36 -21.91 -28.68
CA GLY A 185 -16.69 -20.52 -28.98
C GLY A 185 -15.63 -19.84 -29.81
N GLN A 186 -15.90 -18.60 -30.22
CA GLN A 186 -14.97 -17.83 -31.05
C GLN A 186 -14.53 -16.56 -30.32
N VAL A 187 -13.24 -16.47 -30.04
CA VAL A 187 -12.69 -15.33 -29.28
C VAL A 187 -12.35 -14.16 -30.20
N SER A 188 -12.82 -12.97 -29.84
CA SER A 188 -12.42 -11.73 -30.50
C SER A 188 -11.85 -10.75 -29.49
N GLY A 189 -11.31 -9.63 -29.98
CA GLY A 189 -10.94 -8.50 -29.12
C GLY A 189 -9.46 -8.28 -28.92
N SER A 190 -9.13 -7.34 -28.06
CA SER A 190 -7.76 -6.83 -27.96
C SER A 190 -7.44 -6.42 -26.53
N GLU A 191 -6.14 -6.46 -26.21
CA GLU A 191 -5.60 -5.86 -24.99
C GLU A 191 -4.82 -4.57 -25.30
N TRP A 192 -4.95 -3.59 -24.43
CA TRP A 192 -4.18 -2.35 -24.53
C TRP A 192 -3.49 -2.01 -23.23
N GLY A 193 -2.46 -1.18 -23.32
CA GLY A 193 -1.63 -0.86 -22.16
C GLY A 193 -0.37 -0.14 -22.58
N GLU A 194 0.74 -0.36 -21.88
CA GLU A 194 1.99 0.30 -22.20
C GLU A 194 3.19 -0.44 -21.67
N ILE A 195 4.30 -0.36 -22.42
CA ILE A 195 5.62 -0.52 -21.86
C ILE A 195 5.98 0.92 -21.45
N PRO A 196 6.08 1.19 -20.13
CA PRO A 196 6.33 2.57 -19.70
C PRO A 196 7.75 3.06 -20.00
N SER A 197 7.91 4.38 -20.04
CA SER A 197 9.23 4.98 -20.25
C SER A 197 10.09 4.80 -19.02
N TYR A 198 11.34 4.35 -19.26
CA TYR A 198 12.42 4.29 -18.30
C TYR A 198 13.58 5.14 -18.87
N LEU A 199 14.12 6.07 -18.06
CA LEU A 199 15.25 6.94 -18.44
C LEU A 199 15.14 7.62 -19.81
N ALA A 200 15.96 7.21 -20.77
CA ALA A 200 15.91 7.74 -22.13
C ALA A 200 14.96 6.91 -22.98
N PHE A 201 14.57 5.73 -22.49
CA PHE A 201 13.80 4.79 -23.29
C PHE A 201 12.34 5.20 -23.36
N PRO A 202 11.78 5.27 -24.57
CA PRO A 202 10.44 5.83 -24.74
C PRO A 202 9.33 4.90 -24.27
N ARG A 203 8.22 5.50 -23.85
CA ARG A 203 6.98 4.76 -23.65
C ARG A 203 6.55 4.16 -24.98
N ASP A 204 5.97 2.97 -24.92
CA ASP A 204 5.35 2.34 -26.05
C ASP A 204 3.90 1.99 -25.68
N GLY A 205 2.95 2.83 -26.07
CA GLY A 205 1.53 2.56 -25.80
C GLY A 205 1.05 1.54 -26.82
N TYR A 206 0.46 0.43 -26.35
CA TYR A 206 0.17 -0.68 -27.26
C TYR A 206 -1.29 -1.12 -27.31
N LYS A 207 -1.63 -1.78 -28.40
CA LYS A 207 -2.89 -2.49 -28.53
C LYS A 207 -2.62 -3.69 -29.44
N PHE A 208 -2.81 -4.90 -28.93
CA PHE A 208 -2.67 -6.13 -29.75
C PHE A 208 -3.94 -6.99 -29.73
N SER A 209 -4.36 -7.45 -30.90
CA SER A 209 -5.52 -8.33 -31.02
C SER A 209 -5.08 -9.78 -30.88
N LEU A 210 -6.03 -10.63 -30.52
CA LEU A 210 -5.71 -12.04 -30.29
C LEU A 210 -5.50 -12.72 -31.64
N SER A 211 -6.28 -12.29 -32.64
CA SER A 211 -6.12 -12.77 -34.00
C SER A 211 -4.75 -12.46 -34.65
N ASP A 212 -3.99 -11.54 -34.06
CA ASP A 212 -2.66 -11.20 -34.56
C ASP A 212 -1.55 -12.11 -34.02
N THR A 213 -1.84 -12.88 -32.98
CA THR A 213 -0.85 -13.76 -32.34
C THR A 213 -0.73 -15.17 -32.95
N VAL A 214 -1.46 -15.44 -34.03
CA VAL A 214 -1.40 -16.76 -34.68
C VAL A 214 -1.32 -16.58 -36.19
N ASN A 215 -1.07 -17.67 -36.90
CA ASN A 215 -1.04 -17.65 -38.36
C ASN A 215 -2.39 -17.20 -38.94
N LYS A 216 -2.36 -16.61 -40.13
CA LYS A 216 -3.59 -16.13 -40.79
C LYS A 216 -4.54 -17.26 -41.19
N SER A 217 -4.01 -18.49 -41.33
CA SER A 217 -4.83 -19.66 -41.64
C SER A 217 -5.68 -20.12 -40.45
N ASP A 218 -5.17 -19.90 -39.25
CA ASP A 218 -5.88 -20.26 -38.01
C ASP A 218 -7.09 -19.37 -37.70
N LEU A 219 -7.37 -18.37 -38.54
CA LEU A 219 -8.49 -17.45 -38.30
C LEU A 219 -9.72 -17.74 -39.13
N ASN A 220 -10.89 -17.50 -38.54
CA ASN A 220 -12.15 -17.57 -39.26
C ASN A 220 -12.35 -16.31 -40.08
N GLU A 221 -13.35 -16.33 -40.94
CA GLU A 221 -13.59 -15.23 -41.87
C GLU A 221 -14.21 -13.98 -41.24
N ASP A 222 -14.57 -14.05 -39.96
CA ASP A 222 -14.94 -12.84 -39.21
C ASP A 222 -13.77 -12.29 -38.35
N GLY A 223 -12.60 -12.92 -38.44
CA GLY A 223 -11.42 -12.51 -37.69
C GLY A 223 -11.20 -13.21 -36.34
N THR A 224 -12.17 -14.01 -35.91
CA THR A 224 -12.10 -14.64 -34.59
C THR A 224 -11.20 -15.88 -34.59
N ILE A 225 -10.93 -16.39 -33.39
CA ILE A 225 -10.21 -17.65 -33.20
C ILE A 225 -11.12 -18.65 -32.48
N ASN A 226 -11.06 -19.91 -32.92
CA ASN A 226 -11.83 -21.00 -32.32
C ASN A 226 -11.14 -21.46 -31.05
N ILE A 227 -11.91 -21.58 -29.97
CA ILE A 227 -11.39 -22.17 -28.74
C ILE A 227 -12.26 -23.33 -28.28
N ASN A 228 -11.65 -24.21 -27.48
CA ASN A 228 -12.32 -25.40 -27.00
C ASN A 228 -11.87 -25.79 -25.60
N GLY A 229 -12.85 -26.05 -24.74
CA GLY A 229 -12.62 -26.66 -23.42
C GLY A 229 -13.39 -27.97 -23.35
N LYS A 230 -13.31 -28.63 -22.20
CA LYS A 230 -13.97 -29.91 -22.01
C LYS A 230 -14.73 -29.93 -20.69
N GLY A 231 -15.70 -30.83 -20.63
CA GLY A 231 -16.45 -31.08 -19.41
C GLY A 231 -17.14 -32.42 -19.44
N ASN A 232 -17.86 -32.73 -18.36
CA ASN A 232 -18.70 -33.92 -18.33
C ASN A 232 -19.96 -33.70 -17.52
N TYR A 233 -20.85 -34.69 -17.55
CA TYR A 233 -22.16 -34.60 -16.91
C TYR A 233 -22.65 -35.98 -16.50
N SER A 234 -23.65 -35.98 -15.64
CA SER A 234 -24.26 -37.20 -15.16
C SER A 234 -25.61 -36.84 -14.59
N ALA A 235 -26.65 -37.38 -15.21
CA ALA A 235 -28.01 -37.10 -14.84
C ALA A 235 -28.76 -38.37 -14.43
N VAL A 236 -29.62 -38.25 -13.44
CA VAL A 236 -30.41 -39.35 -12.95
C VAL A 236 -31.86 -39.00 -13.24
N MET A 237 -32.53 -39.86 -14.00
CA MET A 237 -33.91 -39.61 -14.45
C MET A 237 -34.81 -40.77 -14.08
N GLY A 238 -35.95 -40.47 -13.49
CA GLY A 238 -37.00 -41.46 -13.29
C GLY A 238 -37.52 -41.82 -14.66
N ASP A 239 -37.83 -43.07 -14.85
CA ASP A 239 -38.20 -43.56 -16.16
C ASP A 239 -39.60 -44.19 -16.04
N GLU A 240 -39.66 -45.50 -16.17
CA GLU A 240 -40.89 -46.21 -16.40
C GLU A 240 -41.42 -46.64 -15.05
N LEU A 241 -42.70 -46.39 -14.79
CA LEU A 241 -43.36 -46.95 -13.62
C LEU A 241 -43.84 -48.35 -13.97
N ILE A 242 -43.39 -49.34 -13.20
CA ILE A 242 -43.71 -50.71 -13.50
C ILE A 242 -44.49 -51.35 -12.38
N VAL A 243 -45.43 -52.22 -12.78
CA VAL A 243 -46.18 -53.03 -11.87
C VAL A 243 -45.97 -54.49 -12.28
N LYS A 244 -45.52 -55.31 -11.34
CA LYS A 244 -45.43 -56.74 -11.59
C LYS A 244 -46.54 -57.42 -10.84
N VAL A 245 -47.28 -58.29 -11.54
CA VAL A 245 -48.36 -59.00 -10.85
C VAL A 245 -48.05 -60.47 -10.82
N ARG A 246 -48.10 -61.01 -9.62
CA ARG A 246 -47.75 -62.37 -9.39
C ARG A 246 -48.98 -63.17 -8.95
N ASN A 247 -49.18 -64.31 -9.59
CA ASN A 247 -50.26 -65.22 -9.26
C ASN A 247 -49.77 -66.11 -8.15
N LEU A 248 -50.41 -66.06 -6.99
CA LEU A 248 -49.90 -66.78 -5.82
C LEU A 248 -50.15 -68.28 -5.86
N ASN A 249 -50.93 -68.76 -6.84
CA ASN A 249 -51.09 -70.21 -7.04
C ASN A 249 -50.00 -70.74 -7.95
N THR A 250 -49.72 -70.04 -9.05
CA THR A 250 -48.72 -70.52 -10.01
C THR A 250 -47.35 -69.88 -9.77
N ASN A 251 -47.32 -68.75 -9.08
CA ASN A 251 -46.11 -67.97 -8.82
C ASN A 251 -45.47 -67.38 -10.06
N ASN A 252 -46.20 -67.39 -11.17
CA ASN A 252 -45.80 -66.71 -12.39
C ASN A 252 -45.97 -65.22 -12.17
N VAL A 253 -45.09 -64.42 -12.78
CA VAL A 253 -45.10 -62.97 -12.64
C VAL A 253 -45.20 -62.35 -14.00
N GLN A 254 -46.13 -61.40 -14.17
CA GLN A 254 -46.26 -60.72 -15.45
C GLN A 254 -45.96 -59.27 -15.24
N GLU A 255 -45.35 -58.65 -16.25
CA GLU A 255 -44.92 -57.25 -16.17
C GLU A 255 -45.79 -56.34 -16.99
N TYR A 256 -46.19 -55.22 -16.38
CA TYR A 256 -46.90 -54.13 -17.04
C TYR A 256 -46.24 -52.77 -16.80
N VAL A 257 -46.22 -51.92 -17.82
CA VAL A 257 -45.86 -50.52 -17.68
C VAL A 257 -47.13 -49.73 -17.48
N ILE A 258 -47.16 -48.85 -16.46
CA ILE A 258 -48.31 -47.98 -16.25
C ILE A 258 -48.01 -46.68 -16.96
N PRO A 259 -48.75 -46.39 -18.04
CA PRO A 259 -48.32 -45.20 -18.80
C PRO A 259 -48.72 -43.90 -18.14
N VAL A 260 -47.96 -42.86 -18.46
CA VAL A 260 -48.28 -41.50 -18.07
C VAL A 260 -49.56 -41.04 -18.77
N ASP A 261 -50.41 -40.32 -18.04
CA ASP A 261 -51.55 -39.66 -18.64
C ASP A 261 -51.21 -38.20 -19.01
N LYS A 262 -50.88 -37.36 -18.03
CA LYS A 262 -50.59 -35.95 -18.33
C LYS A 262 -49.55 -35.38 -17.34
N ILE A 263 -48.78 -34.40 -17.86
CA ILE A 263 -47.83 -33.56 -17.13
C ILE A 263 -46.74 -34.41 -16.50
N ILE A 275 -46.03 -32.51 -11.02
CA ILE A 275 -47.00 -33.58 -10.73
C ILE A 275 -47.35 -34.35 -11.98
N VAL A 276 -47.08 -35.66 -11.97
CA VAL A 276 -47.37 -36.53 -13.12
C VAL A 276 -48.54 -37.46 -12.79
N LYS A 277 -49.62 -37.36 -13.57
CA LYS A 277 -50.78 -38.23 -13.39
C LYS A 277 -50.62 -39.43 -14.29
N TYR A 278 -50.76 -40.62 -13.73
CA TYR A 278 -50.67 -41.86 -14.51
C TYR A 278 -52.03 -42.37 -15.00
N ARG A 279 -52.01 -43.26 -15.98
CA ARG A 279 -53.25 -43.85 -16.48
C ARG A 279 -53.76 -44.90 -15.51
N SER A 280 -55.05 -45.18 -15.61
CA SER A 280 -55.68 -46.32 -14.91
C SER A 280 -55.84 -47.42 -15.93
N LEU A 281 -55.09 -48.51 -15.75
CA LEU A 281 -55.11 -49.63 -16.70
C LEU A 281 -56.13 -50.69 -16.34
N SER A 282 -56.45 -51.53 -17.31
CA SER A 282 -57.14 -52.77 -17.04
C SER A 282 -56.17 -53.85 -17.42
N ILE A 283 -55.71 -54.62 -16.45
CA ILE A 283 -54.67 -55.61 -16.70
C ILE A 283 -55.02 -57.01 -16.22
N LYS A 284 -54.55 -57.99 -16.97
CA LYS A 284 -54.81 -59.40 -16.68
C LYS A 284 -53.70 -59.97 -15.81
N ALA A 285 -54.09 -60.57 -14.69
CA ALA A 285 -53.15 -61.34 -13.88
C ALA A 285 -52.77 -62.60 -14.65
N PRO A 286 -51.63 -63.22 -14.29
CA PRO A 286 -51.32 -64.48 -14.93
C PRO A 286 -52.36 -65.53 -14.57
N GLY A 287 -52.70 -66.40 -15.52
CA GLY A 287 -53.70 -67.44 -15.32
C GLY A 287 -55.05 -67.14 -15.97
N ILE A 288 -55.19 -65.98 -16.62
CA ILE A 288 -56.46 -65.61 -17.29
C ILE A 288 -56.64 -66.14 -18.74
N LYS A 289 -55.93 -65.54 -19.69
CA LYS A 289 -56.16 -65.76 -21.13
C LYS A 289 -57.00 -64.62 -21.72
N MET B 3 24.19 12.70 5.42
CA MET B 3 23.32 13.53 4.54
C MET B 3 23.93 14.92 4.26
N ALA B 4 24.75 15.41 5.19
CA ALA B 4 25.55 16.62 4.94
C ALA B 4 26.66 16.30 3.93
N SER B 5 27.07 17.33 3.20
CA SER B 5 28.07 17.19 2.16
C SER B 5 28.88 18.47 2.09
N TYR B 6 30.19 18.34 1.90
CA TYR B 6 31.10 19.49 1.93
C TYR B 6 31.68 19.74 0.56
N ASP B 7 31.93 21.01 0.25
CA ASP B 7 32.39 21.39 -1.09
C ASP B 7 33.87 21.79 -1.12
N ASN B 8 34.54 21.73 0.02
CA ASN B 8 35.93 22.15 0.06
C ASN B 8 36.75 21.37 1.08
N VAL B 9 37.44 20.35 0.59
CA VAL B 9 38.30 19.49 1.42
C VAL B 9 39.42 20.31 2.07
N ASP B 10 39.94 21.33 1.38
CA ASP B 10 41.04 22.14 1.88
C ASP B 10 40.67 22.91 3.12
N THR B 11 39.40 23.27 3.23
CA THR B 11 38.92 24.00 4.40
C THR B 11 38.94 23.06 5.61
N LEU B 12 38.62 21.78 5.41
CA LEU B 12 38.64 20.80 6.50
C LEU B 12 40.08 20.51 6.95
N ILE B 13 40.96 20.28 5.97
CA ILE B 13 42.38 20.08 6.25
C ILE B 13 42.94 21.24 7.06
N GLU B 14 42.62 22.47 6.67
CA GLU B 14 43.07 23.65 7.38
C GLU B 14 42.47 23.81 8.78
N LYS B 15 41.29 23.23 9.02
CA LYS B 15 40.66 23.30 10.32
C LYS B 15 41.41 22.37 11.25
N GLY B 16 41.67 21.15 10.77
CA GLY B 16 42.41 20.15 11.52
C GLY B 16 43.76 20.66 11.96
N ARG B 17 44.49 21.33 11.06
CA ARG B 17 45.74 21.99 11.41
C ARG B 17 45.53 23.12 12.39
N TYR B 18 44.49 23.92 12.18
CA TYR B 18 44.18 25.02 13.07
C TYR B 18 43.90 24.48 14.47
N ASN B 19 43.10 23.42 14.55
CA ASN B 19 42.75 22.81 15.83
C ASN B 19 43.96 22.28 16.56
N THR B 20 44.86 21.66 15.81
CA THR B 20 46.08 21.11 16.35
C THR B 20 46.92 22.22 16.98
N LYS B 21 47.23 23.26 16.21
CA LYS B 21 47.92 24.44 16.76
C LYS B 21 47.18 25.04 17.94
N TYR B 22 45.85 25.10 17.84
CA TYR B 22 45.03 25.74 18.85
C TYR B 22 45.14 25.04 20.19
N ASN B 23 44.91 23.73 20.19
CA ASN B 23 44.95 22.94 21.40
C ASN B 23 46.34 22.91 22.05
N TYR B 24 47.38 22.96 21.22
CA TYR B 24 48.75 23.00 21.69
C TYR B 24 48.97 24.24 22.54
N LEU B 25 48.43 25.37 22.09
CA LEU B 25 48.54 26.63 22.83
C LEU B 25 47.56 26.73 23.99
N LYS B 26 46.33 26.29 23.80
CA LYS B 26 45.30 26.39 24.84
C LYS B 26 45.73 25.62 26.12
N ARG B 27 46.46 24.52 25.93
CA ARG B 27 47.03 23.73 27.03
C ARG B 27 48.00 24.57 27.87
N MET B 28 48.83 25.36 27.20
CA MET B 28 49.78 26.25 27.85
C MET B 28 49.15 27.52 28.45
N GLU B 29 47.94 27.87 28.00
CA GLU B 29 47.27 29.12 28.41
C GLU B 29 47.19 29.35 29.95
N LYS B 30 47.01 28.27 30.70
CA LYS B 30 46.93 28.35 32.17
C LYS B 30 48.25 28.87 32.74
N TYR B 31 49.37 28.47 32.14
CA TYR B 31 50.69 28.90 32.57
C TYR B 31 51.07 30.25 32.00
N TYR B 32 50.88 30.43 30.68
CA TYR B 32 51.14 31.69 30.02
C TYR B 32 49.81 32.24 29.50
N PRO B 33 49.22 33.21 30.23
CA PRO B 33 47.88 33.71 29.88
C PRO B 33 47.76 34.39 28.51
N ASN B 34 48.89 34.84 27.94
CA ASN B 34 48.91 35.44 26.61
C ASN B 34 49.40 34.47 25.52
N ALA B 35 49.23 33.16 25.76
CA ALA B 35 49.77 32.13 24.87
C ALA B 35 49.10 32.12 23.51
N MET B 36 47.80 32.36 23.49
CA MET B 36 47.00 32.34 22.28
C MET B 36 47.43 33.43 21.29
N ALA B 37 47.98 34.54 21.81
CA ALA B 37 48.48 35.64 20.98
C ALA B 37 49.66 35.26 20.11
N TYR B 38 50.25 34.09 20.36
CA TYR B 38 51.38 33.59 19.58
C TYR B 38 50.95 32.60 18.50
N PHE B 39 49.64 32.51 18.25
CA PHE B 39 49.10 31.56 17.27
C PHE B 39 49.78 31.62 15.90
N ASP B 40 50.16 32.81 15.46
CA ASP B 40 50.79 33.00 14.14
C ASP B 40 52.26 32.57 14.11
N LYS B 41 52.93 32.62 15.25
CA LYS B 41 54.35 32.23 15.34
C LYS B 41 54.55 30.71 15.37
N VAL B 42 53.60 29.95 15.93
CA VAL B 42 53.80 28.49 16.01
C VAL B 42 53.72 27.79 14.65
N THR B 43 54.75 27.02 14.36
CA THR B 43 54.89 26.31 13.09
C THR B 43 54.14 24.99 13.17
N ILE B 44 53.57 24.56 12.05
CA ILE B 44 53.06 23.21 11.92
C ILE B 44 53.60 22.65 10.62
N ASN B 45 54.16 21.45 10.68
CA ASN B 45 54.88 20.85 9.56
C ASN B 45 54.20 19.54 9.19
N PRO B 46 53.28 19.57 8.21
CA PRO B 46 52.70 18.33 7.73
C PRO B 46 53.78 17.45 7.10
N GLN B 47 53.72 16.15 7.33
CA GLN B 47 54.74 15.24 6.84
C GLN B 47 54.19 14.24 5.84
N GLY B 48 52.96 13.79 6.05
CA GLY B 48 52.30 12.91 5.11
C GLY B 48 50.79 12.88 5.30
N ASN B 49 50.12 12.11 4.45
CA ASN B 49 48.67 11.88 4.57
C ASN B 49 48.29 10.64 3.78
N ASP B 50 47.09 10.14 4.05
CA ASP B 50 46.48 9.13 3.19
C ASP B 50 45.04 9.52 2.86
N PHE B 51 44.85 10.82 2.60
CA PHE B 51 43.53 11.32 2.21
C PHE B 51 43.12 10.69 0.88
N TYR B 52 41.91 10.14 0.82
CA TYR B 52 41.45 9.42 -0.35
C TYR B 52 39.96 9.71 -0.64
N ILE B 53 39.59 9.79 -1.92
CA ILE B 53 38.19 10.00 -2.31
C ILE B 53 37.62 8.68 -2.80
N ASN B 54 36.79 8.07 -1.95
CA ASN B 54 36.24 6.75 -2.23
C ASN B 54 35.03 6.86 -3.16
N ASN B 55 34.98 5.96 -4.14
CA ASN B 55 33.83 5.84 -5.05
C ASN B 55 33.45 7.15 -5.72
N PRO B 56 34.42 7.80 -6.38
CA PRO B 56 34.10 9.04 -7.06
C PRO B 56 33.17 8.72 -8.23
N LYS B 57 32.09 9.47 -8.37
CA LYS B 57 31.20 9.29 -9.52
C LYS B 57 30.61 10.61 -9.98
N VAL B 58 30.17 10.61 -11.23
CA VAL B 58 29.50 11.77 -11.82
C VAL B 58 28.00 11.50 -11.81
N GLU B 59 27.23 12.50 -11.42
CA GLU B 59 25.77 12.37 -11.34
C GLU B 59 25.14 13.55 -12.05
N LEU B 60 24.08 13.28 -12.80
CA LEU B 60 23.32 14.34 -13.46
C LEU B 60 22.74 15.23 -12.39
N ASP B 61 22.78 16.54 -12.62
CA ASP B 61 22.26 17.52 -11.69
C ASP B 61 21.22 18.33 -12.45
N GLY B 62 19.99 17.83 -12.43
CA GLY B 62 18.93 18.37 -13.27
C GLY B 62 18.86 17.58 -14.57
N GLU B 63 17.75 17.70 -15.29
CA GLU B 63 17.59 17.00 -16.57
C GLU B 63 18.43 17.69 -17.65
N PRO B 64 19.01 16.90 -18.57
CA PRO B 64 19.67 17.51 -19.73
C PRO B 64 18.68 18.34 -20.56
N SER B 65 19.14 19.47 -21.07
CA SER B 65 18.38 20.25 -22.03
C SER B 65 18.84 19.80 -23.41
N MET B 66 17.88 19.68 -24.33
CA MET B 66 18.13 19.14 -25.65
C MET B 66 17.54 20.04 -26.72
N ASN B 67 18.42 20.52 -27.59
CA ASN B 67 18.02 21.41 -28.66
C ASN B 67 18.53 20.85 -29.97
N TYR B 68 17.69 20.91 -30.99
CA TYR B 68 18.10 20.59 -32.34
C TYR B 68 19.03 21.70 -32.79
N LEU B 69 20.12 21.33 -33.45
CA LEU B 69 21.02 22.31 -34.02
C LEU B 69 20.68 22.49 -35.50
N GLU B 70 21.36 23.42 -36.13
CA GLU B 70 21.20 23.62 -37.56
C GLU B 70 21.45 22.30 -38.31
N ASP B 71 20.55 21.97 -39.23
CA ASP B 71 20.65 20.78 -40.07
C ASP B 71 21.88 20.83 -40.97
N VAL B 72 22.54 19.69 -41.16
CA VAL B 72 23.66 19.61 -42.10
C VAL B 72 23.10 19.22 -43.47
N TYR B 73 23.30 20.10 -44.45
CA TYR B 73 22.89 19.84 -45.81
C TYR B 73 23.86 18.87 -46.47
N VAL B 74 23.35 17.73 -46.91
CA VAL B 74 24.18 16.68 -47.47
C VAL B 74 24.18 16.71 -48.99
N GLY B 75 23.01 16.88 -49.60
CA GLY B 75 22.95 16.96 -51.04
C GLY B 75 21.56 17.02 -51.63
N LYS B 76 21.54 17.20 -52.95
CA LYS B 76 20.35 17.45 -53.78
C LYS B 76 20.40 16.47 -54.96
N ALA B 77 19.26 15.97 -55.40
CA ALA B 77 19.19 15.21 -56.64
C ALA B 77 17.80 15.31 -57.28
N LEU B 78 17.75 15.01 -58.56
CA LEU B 78 16.51 14.99 -59.31
C LEU B 78 16.25 13.56 -59.81
N LEU B 79 14.98 13.21 -59.91
CA LEU B 79 14.56 11.96 -60.51
C LEU B 79 13.43 12.28 -61.45
N THR B 80 13.60 11.94 -62.73
CA THR B 80 12.67 12.37 -63.78
C THR B 80 11.87 11.23 -64.41
N ASN B 81 10.54 11.36 -64.37
CA ASN B 81 9.64 10.40 -64.98
C ASN B 81 8.95 11.02 -66.20
N ASP B 82 9.59 10.91 -67.38
CA ASP B 82 8.99 11.29 -68.66
C ASP B 82 8.28 10.11 -69.32
N THR B 83 7.31 9.58 -68.60
CA THR B 83 6.61 8.34 -68.94
C THR B 83 5.14 8.61 -68.62
N GLN B 84 4.22 7.85 -69.21
CA GLN B 84 2.77 8.10 -69.07
C GLN B 84 2.17 7.43 -67.84
N GLN B 85 2.97 6.64 -67.14
CA GLN B 85 2.53 6.00 -65.89
C GLN B 85 3.58 6.17 -64.77
N GLU B 86 3.21 5.81 -63.54
CA GLU B 86 4.14 5.98 -62.43
C GLU B 86 5.29 5.00 -62.53
N GLN B 87 6.45 5.43 -62.02
CA GLN B 87 7.68 4.64 -62.11
C GLN B 87 8.49 4.64 -60.81
N LYS B 88 9.13 3.51 -60.55
CA LYS B 88 10.08 3.34 -59.45
C LYS B 88 11.44 3.81 -59.93
N LEU B 89 11.84 5.02 -59.52
CA LEU B 89 13.13 5.61 -59.91
C LEU B 89 14.13 5.57 -58.74
N LYS B 90 15.39 5.25 -59.04
CA LYS B 90 16.40 5.00 -58.02
C LYS B 90 17.36 6.17 -57.89
N SER B 91 17.57 6.65 -56.66
CA SER B 91 18.60 7.65 -56.37
C SER B 91 19.97 7.02 -56.42
N GLN B 92 21.00 7.86 -56.55
CA GLN B 92 22.38 7.36 -56.40
C GLN B 92 22.68 7.10 -54.93
N SER B 93 23.50 6.10 -54.66
CA SER B 93 24.00 5.90 -53.32
C SER B 93 24.97 7.02 -52.97
N PHE B 94 25.16 7.27 -51.67
CA PHE B 94 26.07 8.34 -51.24
C PHE B 94 26.63 8.10 -49.84
N THR B 95 27.55 8.97 -49.44
CA THR B 95 28.12 8.94 -48.09
C THR B 95 28.06 10.33 -47.52
N CYS B 96 28.05 10.40 -46.19
CA CYS B 96 28.31 11.66 -45.52
C CYS B 96 28.99 11.39 -44.17
N LYS B 97 29.73 12.39 -43.72
CA LYS B 97 30.54 12.27 -42.52
C LYS B 97 30.05 13.24 -41.49
N ASN B 98 30.13 12.84 -40.23
CA ASN B 98 29.77 13.69 -39.12
C ASN B 98 30.58 13.33 -37.89
N THR B 99 30.90 14.33 -37.09
CA THR B 99 31.65 14.11 -35.85
C THR B 99 30.79 14.38 -34.62
N ASP B 100 30.61 13.34 -33.79
CA ASP B 100 29.93 13.48 -32.51
C ASP B 100 30.98 13.96 -31.51
N THR B 101 30.63 14.95 -30.71
CA THR B 101 31.57 15.51 -29.74
C THR B 101 30.95 15.62 -28.36
N VAL B 102 31.83 15.66 -27.36
CA VAL B 102 31.45 15.99 -26.02
C VAL B 102 32.58 16.81 -25.38
N THR B 103 32.19 17.88 -24.71
CA THR B 103 33.12 18.62 -23.90
C THR B 103 32.56 18.67 -22.48
N ALA B 104 33.46 18.56 -21.50
CA ALA B 104 33.10 18.47 -20.10
C ALA B 104 34.07 19.29 -19.26
N THR B 105 33.53 20.13 -18.39
CA THR B 105 34.32 21.04 -17.61
C THR B 105 33.90 21.00 -16.14
N THR B 106 34.88 20.83 -15.26
CA THR B 106 34.65 20.96 -13.82
C THR B 106 34.55 22.46 -13.56
N THR B 107 33.44 22.88 -12.96
CA THR B 107 33.18 24.30 -12.70
C THR B 107 33.46 24.68 -11.25
N HIS B 108 33.27 23.72 -10.35
CA HIS B 108 33.56 23.91 -8.93
C HIS B 108 34.20 22.64 -8.40
N THR B 109 35.51 22.74 -8.13
CA THR B 109 36.27 21.62 -7.63
C THR B 109 35.78 21.28 -6.23
N VAL B 110 36.28 20.18 -5.69
CA VAL B 110 35.97 19.82 -4.33
C VAL B 110 37.09 20.24 -3.36
N GLY B 111 37.92 21.20 -3.80
CA GLY B 111 39.15 21.55 -3.11
C GLY B 111 40.32 20.90 -3.83
N THR B 112 41.51 21.48 -3.67
CA THR B 112 42.68 21.09 -4.46
C THR B 112 43.46 19.89 -3.92
N SER B 113 43.31 19.58 -2.64
CA SER B 113 44.28 18.71 -1.96
C SER B 113 44.21 17.23 -2.32
N ILE B 114 43.04 16.72 -2.71
CA ILE B 114 42.87 15.30 -2.97
C ILE B 114 42.45 15.06 -4.42
N GLN B 115 43.26 14.29 -5.15
CA GLN B 115 43.01 14.00 -6.56
C GLN B 115 41.97 12.91 -6.70
N ALA B 116 41.11 13.04 -7.70
CA ALA B 116 40.16 11.98 -8.09
C ALA B 116 39.56 12.28 -9.47
N THR B 117 39.23 11.23 -10.21
CA THR B 117 38.51 11.42 -11.47
C THR B 117 37.41 10.40 -11.59
N ALA B 118 36.42 10.70 -12.42
CA ALA B 118 35.28 9.81 -12.65
C ALA B 118 34.81 9.94 -14.10
N LYS B 119 34.29 8.84 -14.63
CA LYS B 119 33.81 8.80 -16.01
C LYS B 119 32.39 9.34 -16.13
N PHE B 120 32.13 10.00 -17.25
CA PHE B 120 30.81 10.49 -17.60
C PHE B 120 30.40 10.01 -19.00
N THR B 121 29.25 9.35 -19.09
CA THR B 121 28.64 8.96 -20.37
C THR B 121 27.52 9.95 -20.73
N VAL B 122 27.54 10.55 -21.92
CA VAL B 122 26.49 11.52 -22.24
C VAL B 122 25.16 10.78 -22.29
N PRO B 123 24.11 11.36 -21.69
CA PRO B 123 22.80 10.72 -21.62
C PRO B 123 21.92 11.04 -22.85
N PHE B 124 20.78 10.36 -22.97
CA PHE B 124 19.91 10.52 -24.16
C PHE B 124 20.76 10.43 -25.45
N ASN B 125 21.52 9.35 -25.57
CA ASN B 125 22.40 9.20 -26.71
C ASN B 125 21.65 8.75 -27.98
N GLU B 126 21.14 7.52 -27.98
CA GLU B 126 20.30 6.99 -29.06
C GLU B 126 20.97 6.82 -30.44
N THR B 127 22.22 7.26 -30.59
CA THR B 127 22.93 7.10 -31.85
C THR B 127 23.50 5.70 -32.03
N GLY B 128 23.63 4.97 -30.92
CA GLY B 128 24.27 3.66 -30.92
C GLY B 128 25.79 3.73 -30.84
N VAL B 129 26.34 4.95 -30.70
CA VAL B 129 27.75 5.12 -30.42
C VAL B 129 27.86 5.85 -29.09
N SER B 130 28.35 5.14 -28.07
CA SER B 130 28.50 5.70 -26.73
C SER B 130 29.61 6.76 -26.74
N LEU B 131 29.39 7.83 -25.99
CA LEU B 131 30.33 8.93 -25.97
C LEU B 131 30.64 9.25 -24.51
N THR B 132 31.89 9.00 -24.11
CA THR B 132 32.30 9.12 -22.73
C THR B 132 33.46 10.11 -22.58
N THR B 133 33.46 10.83 -21.46
CA THR B 133 34.63 11.62 -21.08
C THR B 133 34.85 11.43 -19.57
N SER B 134 35.48 12.39 -18.91
CA SER B 134 35.69 12.29 -17.47
C SER B 134 35.80 13.66 -16.84
N TYR B 135 35.69 13.67 -15.51
CA TYR B 135 35.83 14.89 -14.73
C TYR B 135 36.94 14.76 -13.68
N SER B 136 37.72 15.83 -13.53
CA SER B 136 38.68 15.94 -12.42
C SER B 136 37.99 16.57 -11.21
N PHE B 137 38.17 15.98 -10.03
CA PHE B 137 37.59 16.55 -8.81
C PHE B 137 38.38 17.73 -8.27
N ALA B 138 39.68 17.77 -8.55
CA ALA B 138 40.55 18.74 -7.87
C ALA B 138 40.89 19.95 -8.73
N ASN B 139 40.74 19.82 -10.05
CA ASN B 139 41.03 20.92 -10.96
C ASN B 139 39.87 21.26 -11.87
N THR B 140 39.85 22.50 -12.35
CA THR B 140 38.82 23.00 -13.26
C THR B 140 39.21 22.69 -14.71
N ASN B 141 39.39 21.41 -14.99
CA ASN B 141 39.85 20.99 -16.32
C ASN B 141 38.68 20.89 -17.30
N THR B 142 39.03 20.82 -18.58
CA THR B 142 38.07 20.61 -19.65
C THR B 142 38.54 19.40 -20.45
N ASN B 143 37.72 18.37 -20.48
CA ASN B 143 38.02 17.16 -21.24
C ASN B 143 37.07 17.02 -22.44
N THR B 144 37.64 16.68 -23.60
CA THR B 144 36.85 16.47 -24.80
C THR B 144 36.97 15.03 -25.25
N ASN B 145 36.04 14.64 -26.10
CA ASN B 145 36.16 13.40 -26.84
C ASN B 145 35.32 13.57 -28.10
N SER B 146 35.62 12.77 -29.11
CA SER B 146 34.86 12.84 -30.33
C SER B 146 34.92 11.52 -31.08
N LYS B 147 33.92 11.30 -31.94
CA LYS B 147 33.82 10.09 -32.74
C LYS B 147 33.33 10.50 -34.13
N GLU B 148 34.12 10.15 -35.15
CA GLU B 148 33.76 10.45 -36.53
C GLU B 148 32.89 9.32 -37.03
N ILE B 149 31.75 9.67 -37.61
CA ILE B 149 30.82 8.70 -38.16
C ILE B 149 30.70 8.92 -39.65
N THR B 150 30.84 7.85 -40.42
CA THR B 150 30.60 7.92 -41.86
C THR B 150 29.34 7.13 -42.19
N ALA B 151 28.43 7.81 -42.88
CA ALA B 151 27.17 7.19 -43.27
C ALA B 151 27.31 6.68 -44.70
N ASN B 152 27.06 5.39 -44.90
CA ASN B 152 26.88 4.83 -46.24
C ASN B 152 25.39 4.63 -46.51
N VAL B 153 24.85 5.42 -47.42
CA VAL B 153 23.42 5.44 -47.67
C VAL B 153 23.19 4.84 -49.05
N PRO B 154 22.49 3.69 -49.09
CA PRO B 154 22.26 3.09 -50.40
C PRO B 154 21.30 3.88 -51.27
N SER B 155 21.22 3.46 -52.53
CA SER B 155 20.20 3.91 -53.47
C SER B 155 18.83 3.80 -52.82
N GLN B 156 18.00 4.82 -52.99
CA GLN B 156 16.60 4.79 -52.53
C GLN B 156 15.62 4.67 -53.71
N ASP B 157 14.54 3.92 -53.52
CA ASP B 157 13.50 3.77 -54.55
C ASP B 157 12.43 4.82 -54.34
N ILE B 158 12.20 5.66 -55.33
CA ILE B 158 11.19 6.69 -55.20
C ILE B 158 10.13 6.50 -56.29
N LEU B 159 8.87 6.30 -55.87
CA LEU B 159 7.75 6.21 -56.85
C LEU B 159 7.42 7.61 -57.25
N VAL B 160 7.59 7.90 -58.53
CA VAL B 160 7.29 9.21 -59.09
C VAL B 160 6.06 9.13 -60.00
N PRO B 161 5.13 10.08 -59.85
CA PRO B 161 3.99 10.05 -60.76
C PRO B 161 4.41 10.29 -62.21
N ALA B 162 3.48 10.03 -63.12
CA ALA B 162 3.70 10.18 -64.55
C ALA B 162 3.96 11.64 -64.87
N ASN B 163 4.85 11.88 -65.84
CA ASN B 163 5.17 13.22 -66.31
C ASN B 163 5.54 14.16 -65.15
N THR B 164 6.49 13.72 -64.32
CA THR B 164 6.89 14.49 -63.15
C THR B 164 8.36 14.30 -62.87
N THR B 165 9.04 15.42 -62.63
CA THR B 165 10.36 15.39 -62.05
C THR B 165 10.18 15.70 -60.57
N VAL B 166 10.83 14.90 -59.72
CA VAL B 166 10.97 15.21 -58.29
C VAL B 166 12.36 15.69 -57.95
N GLU B 167 12.44 16.55 -56.94
CA GLU B 167 13.71 16.99 -56.38
C GLU B 167 13.82 16.41 -54.99
N VAL B 168 14.95 15.77 -54.71
CA VAL B 168 15.18 15.10 -53.44
C VAL B 168 16.33 15.81 -52.72
N ILE B 169 16.14 16.15 -51.43
CA ILE B 169 17.20 16.80 -50.61
C ILE B 169 17.48 15.92 -49.38
N ALA B 170 18.74 15.62 -49.12
CA ALA B 170 19.12 14.86 -47.94
C ALA B 170 19.79 15.82 -46.96
N TYR B 171 19.44 15.69 -45.69
CA TYR B 171 20.08 16.45 -44.65
C TYR B 171 20.10 15.67 -43.34
N LEU B 172 21.04 16.04 -42.47
CA LEU B 172 21.26 15.31 -41.21
C LEU B 172 20.85 16.24 -40.08
N LYS B 173 19.96 15.75 -39.22
CA LYS B 173 19.63 16.51 -38.03
C LYS B 173 20.73 16.32 -37.00
N LYS B 174 20.91 17.34 -36.17
CA LYS B 174 21.88 17.27 -35.10
C LYS B 174 21.24 17.77 -33.81
N VAL B 175 21.54 17.09 -32.70
CA VAL B 175 21.06 17.49 -31.40
C VAL B 175 22.21 17.91 -30.47
N ASN B 176 21.96 18.95 -29.69
CA ASN B 176 22.86 19.39 -28.64
C ASN B 176 22.26 18.98 -27.31
N VAL B 177 23.01 18.19 -26.55
CA VAL B 177 22.62 17.75 -25.20
C VAL B 177 23.55 18.44 -24.20
N LYS B 178 22.98 19.32 -23.38
CA LYS B 178 23.69 20.18 -22.41
C LYS B 178 23.09 19.99 -21.05
N GLY B 179 23.91 20.14 -20.03
CA GLY B 179 23.44 20.12 -18.65
C GLY B 179 24.54 20.18 -17.61
N ASN B 180 24.15 20.04 -16.36
CA ASN B 180 25.05 20.08 -15.25
C ASN B 180 25.21 18.70 -14.62
N VAL B 181 26.33 18.51 -13.93
CA VAL B 181 26.60 17.31 -13.16
C VAL B 181 27.11 17.68 -11.78
N LYS B 182 26.97 16.74 -10.85
CA LYS B 182 27.56 16.88 -9.53
C LYS B 182 28.60 15.79 -9.46
N LEU B 183 29.77 16.15 -8.91
CA LEU B 183 30.85 15.22 -8.68
C LEU B 183 30.80 14.83 -7.20
N VAL B 184 30.55 13.56 -6.91
CA VAL B 184 30.37 13.11 -5.54
C VAL B 184 31.34 12.00 -5.19
N GLY B 185 31.59 11.86 -3.88
CA GLY B 185 32.44 10.82 -3.32
C GLY B 185 32.52 10.91 -1.81
N GLN B 186 33.18 9.93 -1.19
CA GLN B 186 33.32 9.87 0.26
C GLN B 186 34.81 9.94 0.64
N VAL B 187 35.19 10.99 1.34
CA VAL B 187 36.59 11.19 1.74
C VAL B 187 36.93 10.47 3.03
N SER B 188 38.02 9.70 3.02
CA SER B 188 38.58 9.11 4.23
C SER B 188 40.02 9.54 4.41
N GLY B 189 40.59 9.19 5.56
CA GLY B 189 42.03 9.31 5.78
C GLY B 189 42.47 10.42 6.71
N SER B 190 43.78 10.58 6.83
CA SER B 190 44.37 11.42 7.87
C SER B 190 45.65 12.09 7.39
N GLU B 191 45.97 13.22 8.01
CA GLU B 191 47.26 13.88 7.88
C GLU B 191 48.09 13.71 9.17
N TRP B 192 49.39 13.50 9.00
CA TRP B 192 50.31 13.44 10.12
C TRP B 192 51.49 14.37 9.93
N GLY B 193 52.15 14.69 11.03
CA GLY B 193 53.24 15.68 11.02
C GLY B 193 53.60 16.10 12.44
N GLU B 194 54.01 17.35 12.61
CA GLU B 194 54.43 17.85 13.91
C GLU B 194 54.34 19.35 14.02
N ILE B 195 54.04 19.82 15.23
CA ILE B 195 54.44 21.15 15.67
C ILE B 195 55.81 20.91 16.31
N PRO B 196 56.89 21.42 15.69
CA PRO B 196 58.24 21.11 16.19
C PRO B 196 58.57 21.80 17.52
N SER B 197 59.53 21.24 18.24
CA SER B 197 60.00 21.84 19.49
C SER B 197 60.77 23.10 19.18
N TYR B 198 60.43 24.18 19.86
CA TYR B 198 61.17 25.43 19.68
C TYR B 198 62.29 25.58 20.72
N LEU B 199 61.98 26.05 21.93
CA LEU B 199 63.04 26.22 22.96
C LEU B 199 62.85 25.15 24.03
N ALA B 200 62.09 25.50 25.06
CA ALA B 200 61.65 24.55 26.06
C ALA B 200 60.30 23.96 25.67
N PHE B 201 59.67 24.53 24.64
CA PHE B 201 58.33 24.10 24.21
C PHE B 201 58.43 22.77 23.49
N PRO B 202 57.64 21.79 23.94
CA PRO B 202 57.78 20.44 23.43
C PRO B 202 57.28 20.24 21.98
N ARG B 203 57.88 19.29 21.28
CA ARG B 203 57.33 18.80 20.03
C ARG B 203 55.96 18.19 20.30
N ASP B 204 55.04 18.39 19.35
CA ASP B 204 53.73 17.75 19.37
C ASP B 204 53.56 16.98 18.06
N GLY B 205 53.84 15.68 18.07
CA GLY B 205 53.68 14.85 16.87
C GLY B 205 52.20 14.54 16.71
N TYR B 206 51.65 14.81 15.52
CA TYR B 206 50.19 14.75 15.37
C TYR B 206 49.69 13.83 14.25
N LYS B 207 48.45 13.41 14.40
CA LYS B 207 47.71 12.75 13.35
C LYS B 207 46.24 13.13 13.55
N PHE B 208 45.67 13.81 12.55
CA PHE B 208 44.25 14.17 12.59
C PHE B 208 43.49 13.63 11.36
N SER B 209 42.34 13.01 11.62
CA SER B 209 41.49 12.49 10.55
C SER B 209 40.53 13.58 10.11
N LEU B 210 40.04 13.45 8.90
CA LEU B 210 39.16 14.47 8.35
C LEU B 210 37.79 14.35 9.02
N SER B 211 37.40 13.11 9.33
CA SER B 211 36.18 12.85 10.07
C SER B 211 36.14 13.45 11.49
N ASP B 212 37.30 13.85 12.03
CA ASP B 212 37.37 14.46 13.36
C ASP B 212 37.12 15.98 13.34
N THR B 213 37.18 16.59 12.15
CA THR B 213 37.04 18.05 12.01
C THR B 213 35.59 18.55 11.86
N VAL B 214 34.62 17.63 11.95
CA VAL B 214 33.20 17.99 11.81
C VAL B 214 32.38 17.29 12.87
N ASN B 215 31.11 17.65 12.99
CA ASN B 215 30.20 17.00 13.94
C ASN B 215 30.05 15.51 13.62
N LYS B 216 29.76 14.72 14.64
CA LYS B 216 29.59 13.27 14.47
C LYS B 216 28.37 12.89 13.60
N SER B 217 27.40 13.81 13.50
CA SER B 217 26.22 13.61 12.64
C SER B 217 26.54 13.72 11.16
N ASP B 218 27.53 14.54 10.83
CA ASP B 218 27.96 14.74 9.45
C ASP B 218 28.71 13.54 8.86
N LEU B 219 28.92 12.47 9.65
CA LEU B 219 29.68 11.29 9.19
C LEU B 219 28.79 10.12 8.76
N ASN B 220 29.23 9.41 7.73
CA ASN B 220 28.61 8.15 7.34
C ASN B 220 29.03 7.04 8.29
N GLU B 221 28.37 5.89 8.18
CA GLU B 221 28.62 4.78 9.11
C GLU B 221 29.93 4.02 8.85
N ASP B 222 30.63 4.35 7.76
CA ASP B 222 31.99 3.83 7.56
C ASP B 222 33.08 4.83 7.99
N GLY B 223 32.64 5.98 8.54
CA GLY B 223 33.56 7.02 9.02
C GLY B 223 33.89 8.13 8.02
N THR B 224 33.46 7.97 6.77
CA THR B 224 33.80 8.91 5.71
C THR B 224 32.94 10.18 5.77
N ILE B 225 33.34 11.17 4.96
CA ILE B 225 32.60 12.41 4.78
C ILE B 225 32.21 12.53 3.31
N ASN B 226 30.98 12.98 3.06
CA ASN B 226 30.47 13.21 1.72
C ASN B 226 31.00 14.52 1.18
N ILE B 227 31.54 14.48 -0.03
CA ILE B 227 31.93 15.71 -0.71
C ILE B 227 31.25 15.83 -2.07
N ASN B 228 31.14 17.07 -2.55
CA ASN B 228 30.47 17.38 -3.79
C ASN B 228 31.12 18.53 -4.54
N GLY B 229 31.37 18.31 -5.82
CA GLY B 229 31.77 19.36 -6.73
C GLY B 229 30.74 19.48 -7.84
N LYS B 230 30.98 20.40 -8.77
CA LYS B 230 30.05 20.61 -9.87
C LYS B 230 30.79 20.67 -11.18
N GLY B 231 30.04 20.39 -12.24
CA GLY B 231 30.54 20.53 -13.60
C GLY B 231 29.42 20.65 -14.59
N ASN B 232 29.78 20.77 -15.87
CA ASN B 232 28.80 20.77 -16.93
C ASN B 232 29.33 20.09 -18.18
N TYR B 233 28.44 19.90 -19.14
CA TYR B 233 28.78 19.19 -20.37
C TYR B 233 27.94 19.72 -21.52
N SER B 234 28.39 19.40 -22.72
CA SER B 234 27.70 19.77 -23.93
C SER B 234 28.17 18.84 -25.01
N ALA B 235 27.24 18.05 -25.54
CA ALA B 235 27.53 17.09 -26.58
C ALA B 235 26.74 17.39 -27.85
N VAL B 236 27.38 17.15 -29.00
CA VAL B 236 26.75 17.34 -30.29
C VAL B 236 26.65 15.98 -30.92
N MET B 237 25.43 15.55 -31.26
CA MET B 237 25.19 14.22 -31.79
C MET B 237 24.43 14.31 -33.10
N GLY B 238 24.91 13.60 -34.11
CA GLY B 238 24.16 13.40 -35.33
C GLY B 238 22.95 12.56 -34.99
N ASP B 239 21.83 12.86 -35.61
CA ASP B 239 20.59 12.25 -35.24
C ASP B 239 20.02 11.59 -36.49
N GLU B 240 18.93 12.13 -36.99
CA GLU B 240 18.10 11.47 -37.96
C GLU B 240 18.58 11.92 -39.34
N LEU B 241 18.78 10.97 -40.25
CA LEU B 241 19.03 11.29 -41.65
C LEU B 241 17.68 11.47 -42.33
N ILE B 242 17.48 12.64 -42.92
CA ILE B 242 16.22 12.95 -43.52
C ILE B 242 16.35 13.18 -45.01
N VAL B 243 15.32 12.76 -45.74
CA VAL B 243 15.17 13.02 -47.15
C VAL B 243 13.82 13.71 -47.34
N LYS B 244 13.84 14.88 -47.96
CA LYS B 244 12.61 15.54 -48.35
C LYS B 244 12.44 15.42 -49.85
N VAL B 245 11.26 14.98 -50.28
CA VAL B 245 11.01 14.83 -51.70
C VAL B 245 9.92 15.80 -52.13
N ARG B 246 10.27 16.57 -53.13
CA ARG B 246 9.41 17.60 -53.62
C ARG B 246 8.93 17.27 -55.03
N ASN B 247 7.63 17.38 -55.23
CA ASN B 247 7.03 17.20 -56.53
C ASN B 247 7.13 18.52 -57.26
N LEU B 248 7.86 18.55 -58.37
CA LEU B 248 8.08 19.83 -59.07
C LEU B 248 6.88 20.36 -59.83
N ASN B 249 5.81 19.56 -59.95
CA ASN B 249 4.55 20.05 -60.53
C ASN B 249 3.66 20.68 -59.48
N THR B 250 3.53 20.04 -58.31
CA THR B 250 2.68 20.59 -57.25
C THR B 250 3.48 21.42 -56.23
N ASN B 251 4.78 21.20 -56.18
CA ASN B 251 5.68 21.82 -55.21
C ASN B 251 5.42 21.45 -53.76
N ASN B 252 4.63 20.40 -53.55
CA ASN B 252 4.42 19.79 -52.23
C ASN B 252 5.69 19.04 -51.86
N VAL B 253 6.02 19.02 -50.56
CA VAL B 253 7.23 18.38 -50.06
C VAL B 253 6.84 17.36 -49.01
N GLN B 254 7.33 16.12 -49.16
CA GLN B 254 7.02 15.09 -48.17
C GLN B 254 8.30 14.70 -47.49
N GLU B 255 8.21 14.40 -46.18
CA GLU B 255 9.38 14.07 -45.37
C GLU B 255 9.47 12.59 -45.06
N TYR B 256 10.68 12.02 -45.25
CA TYR B 256 10.98 10.64 -44.88
C TYR B 256 12.25 10.57 -44.01
N VAL B 257 12.24 9.72 -43.00
CA VAL B 257 13.45 9.37 -42.26
C VAL B 257 14.02 8.11 -42.89
N ILE B 258 15.32 8.11 -43.17
CA ILE B 258 15.99 6.94 -43.73
C ILE B 258 16.57 6.20 -42.53
N PRO B 259 16.01 5.02 -42.22
CA PRO B 259 16.49 4.39 -41.00
C PRO B 259 17.86 3.76 -41.13
N VAL B 260 18.53 3.64 -40.00
CA VAL B 260 19.77 2.89 -39.88
C VAL B 260 19.52 1.42 -40.11
N ASP B 261 20.42 0.78 -40.85
CA ASP B 261 20.42 -0.68 -40.95
C ASP B 261 21.34 -1.32 -39.88
N LYS B 262 22.63 -1.02 -39.91
CA LYS B 262 23.60 -1.62 -38.95
C LYS B 262 24.71 -0.65 -38.62
N ILE B 263 25.22 -0.73 -37.40
CA ILE B 263 26.44 -0.03 -37.00
C ILE B 263 27.52 -1.07 -36.73
N ASN B 274 32.00 3.50 -36.21
CA ASN B 274 32.53 4.48 -37.16
C ASN B 274 31.79 4.50 -38.49
N ILE B 275 31.35 3.32 -38.98
CA ILE B 275 30.63 3.24 -40.26
C ILE B 275 29.19 2.79 -40.03
N VAL B 276 28.24 3.64 -40.40
CA VAL B 276 26.81 3.34 -40.27
C VAL B 276 26.18 3.10 -41.65
N LYS B 277 25.62 1.93 -41.85
CA LYS B 277 24.95 1.59 -43.09
C LYS B 277 23.48 1.90 -42.92
N TYR B 278 22.92 2.65 -43.87
CA TYR B 278 21.49 2.97 -43.85
C TYR B 278 20.63 1.97 -44.65
N ARG B 279 19.34 1.98 -44.37
CA ARG B 279 18.41 1.14 -45.14
C ARG B 279 18.15 1.74 -46.52
N SER B 280 17.73 0.87 -47.43
CA SER B 280 17.25 1.29 -48.75
C SER B 280 15.74 1.25 -48.71
N LEU B 281 15.11 2.43 -48.77
CA LEU B 281 13.66 2.51 -48.66
C LEU B 281 12.97 2.44 -50.00
N SER B 282 11.68 2.18 -49.96
CA SER B 282 10.82 2.41 -51.09
C SER B 282 9.87 3.50 -50.63
N ILE B 283 9.95 4.66 -51.26
CA ILE B 283 9.15 5.81 -50.82
C ILE B 283 8.32 6.43 -51.95
N LYS B 284 7.15 6.93 -51.57
CA LYS B 284 6.24 7.57 -52.52
C LYS B 284 6.48 9.07 -52.57
N ALA B 285 6.69 9.59 -53.77
CA ALA B 285 6.73 11.03 -53.98
C ALA B 285 5.33 11.59 -53.77
N PRO B 286 5.22 12.89 -53.48
CA PRO B 286 3.88 13.45 -53.40
C PRO B 286 3.20 13.35 -54.76
N GLY B 287 1.89 13.09 -54.75
CA GLY B 287 1.11 12.94 -55.98
C GLY B 287 0.74 11.49 -56.32
N ILE B 288 1.17 10.52 -55.50
CA ILE B 288 0.72 9.11 -55.62
C ILE B 288 -0.50 8.77 -54.75
N MET C 3 -36.29 -9.67 11.99
CA MET C 3 -35.32 -10.53 12.74
C MET C 3 -35.53 -12.02 12.44
N ALA C 4 -36.75 -12.41 12.06
CA ALA C 4 -37.00 -13.76 11.55
C ALA C 4 -36.38 -13.90 10.16
N SER C 5 -36.04 -15.14 9.81
CA SER C 5 -35.38 -15.43 8.54
C SER C 5 -35.81 -16.81 8.09
N TYR C 6 -36.07 -16.95 6.78
CA TYR C 6 -36.62 -18.19 6.23
C TYR C 6 -35.58 -18.87 5.36
N ASP C 7 -35.60 -20.20 5.34
CA ASP C 7 -34.58 -20.97 4.61
C ASP C 7 -35.13 -21.62 3.34
N ASN C 8 -36.42 -21.39 3.06
CA ASN C 8 -37.01 -22.00 1.89
C ASN C 8 -38.10 -21.13 1.26
N VAL C 9 -37.69 -20.41 0.23
CA VAL C 9 -38.58 -19.55 -0.52
C VAL C 9 -39.72 -20.32 -1.21
N ASP C 10 -39.44 -21.55 -1.64
CA ASP C 10 -40.45 -22.39 -2.31
C ASP C 10 -41.63 -22.73 -1.40
N THR C 11 -41.35 -22.83 -0.11
CA THR C 11 -42.37 -23.11 0.87
C THR C 11 -43.36 -21.94 0.96
N LEU C 12 -42.84 -20.73 0.89
CA LEU C 12 -43.67 -19.53 0.95
C LEU C 12 -44.51 -19.40 -0.33
N ILE C 13 -43.87 -19.56 -1.48
CA ILE C 13 -44.56 -19.53 -2.76
C ILE C 13 -45.72 -20.53 -2.74
N GLU C 14 -45.47 -21.73 -2.24
CA GLU C 14 -46.51 -22.78 -2.16
C GLU C 14 -47.64 -22.47 -1.19
N LYS C 15 -47.35 -21.65 -0.17
CA LYS C 15 -48.37 -21.26 0.79
C LYS C 15 -49.30 -20.24 0.14
N GLY C 16 -48.71 -19.26 -0.53
CA GLY C 16 -49.45 -18.26 -1.28
C GLY C 16 -50.40 -18.86 -2.30
N ARG C 17 -49.93 -19.86 -3.05
CA ARG C 17 -50.81 -20.62 -3.95
C ARG C 17 -51.87 -21.41 -3.20
N TYR C 18 -51.48 -22.03 -2.09
CA TYR C 18 -52.43 -22.78 -1.28
C TYR C 18 -53.52 -21.85 -0.78
N ASN C 19 -53.12 -20.68 -0.28
CA ASN C 19 -54.06 -19.68 0.25
C ASN C 19 -55.03 -19.22 -0.79
N THR C 20 -54.51 -19.00 -1.99
CA THR C 20 -55.31 -18.54 -3.13
C THR C 20 -56.39 -19.57 -3.45
N LYS C 21 -55.98 -20.81 -3.67
CA LYS C 21 -56.94 -21.90 -3.87
C LYS C 21 -57.90 -22.02 -2.70
N TYR C 22 -57.39 -21.86 -1.49
CA TYR C 22 -58.19 -22.06 -0.29
C TYR C 22 -59.32 -21.05 -0.19
N ASN C 23 -58.98 -19.77 -0.31
CA ASN C 23 -59.96 -18.70 -0.22
C ASN C 23 -60.99 -18.75 -1.35
N TYR C 24 -60.58 -19.22 -2.52
CA TYR C 24 -61.48 -19.38 -3.65
C TYR C 24 -62.58 -20.37 -3.30
N LEU C 25 -62.22 -21.45 -2.64
CA LEU C 25 -63.18 -22.47 -2.23
C LEU C 25 -63.96 -22.09 -0.97
N LYS C 26 -63.28 -21.49 0.00
CA LYS C 26 -63.94 -21.10 1.26
C LYS C 26 -65.09 -20.13 1.00
N ARG C 27 -64.94 -19.27 -0.01
CA ARG C 27 -65.97 -18.33 -0.43
C ARG C 27 -67.23 -19.07 -0.88
N MET C 28 -67.04 -20.15 -1.63
CA MET C 28 -68.14 -20.97 -2.13
C MET C 28 -68.75 -21.89 -1.05
N GLU C 29 -68.02 -22.12 0.03
CA GLU C 29 -68.43 -23.08 1.09
C GLU C 29 -69.86 -22.86 1.62
N LYS C 30 -70.28 -21.60 1.71
CA LYS C 30 -71.62 -21.27 2.18
C LYS C 30 -72.69 -21.82 1.24
N TYR C 31 -72.41 -21.80 -0.06
CA TYR C 31 -73.33 -22.32 -1.07
C TYR C 31 -73.20 -23.84 -1.22
N TYR C 32 -71.97 -24.33 -1.35
CA TYR C 32 -71.69 -25.76 -1.44
C TYR C 32 -70.90 -26.17 -0.20
N PRO C 33 -71.58 -26.81 0.78
CA PRO C 33 -70.93 -27.13 2.07
C PRO C 33 -69.76 -28.12 1.98
N ASN C 34 -69.69 -28.90 0.90
CA ASN C 34 -68.59 -29.84 0.67
C ASN C 34 -67.55 -29.31 -0.32
N ALA C 35 -67.44 -27.98 -0.43
CA ALA C 35 -66.59 -27.35 -1.43
C ALA C 35 -65.10 -27.58 -1.17
N MET C 36 -64.72 -27.57 0.11
CA MET C 36 -63.33 -27.74 0.52
C MET C 36 -62.77 -29.12 0.12
N ALA C 37 -63.66 -30.12 0.04
CA ALA C 37 -63.28 -31.48 -0.37
C ALA C 37 -62.76 -31.57 -1.81
N TYR C 38 -62.96 -30.51 -2.58
CA TYR C 38 -62.50 -30.45 -3.98
C TYR C 38 -61.15 -29.72 -4.12
N PHE C 39 -60.48 -29.47 -3.00
CA PHE C 39 -59.20 -28.73 -2.99
C PHE C 39 -58.17 -29.28 -3.98
N ASP C 40 -58.14 -30.60 -4.15
CA ASP C 40 -57.17 -31.26 -5.03
C ASP C 40 -57.51 -31.11 -6.51
N LYS C 41 -58.80 -30.99 -6.83
CA LYS C 41 -59.25 -30.87 -8.22
C LYS C 41 -59.03 -29.47 -8.80
N VAL C 42 -59.07 -28.44 -7.96
CA VAL C 42 -58.93 -27.07 -8.47
C VAL C 42 -57.52 -26.77 -8.97
N THR C 43 -57.44 -26.29 -10.21
CA THR C 43 -56.18 -25.95 -10.85
C THR C 43 -55.75 -24.54 -10.48
N ILE C 44 -54.45 -24.32 -10.37
CA ILE C 44 -53.91 -22.99 -10.29
C ILE C 44 -52.75 -22.90 -11.27
N ASN C 45 -52.77 -21.85 -12.10
CA ASN C 45 -51.85 -21.71 -13.21
C ASN C 45 -51.04 -20.44 -13.03
N PRO C 46 -49.85 -20.57 -12.45
CA PRO C 46 -48.98 -19.41 -12.36
C PRO C 46 -48.58 -18.94 -13.75
N GLN C 47 -48.55 -17.64 -13.97
CA GLN C 47 -48.27 -17.09 -15.29
C GLN C 47 -46.97 -16.30 -15.29
N GLY C 48 -46.68 -15.59 -14.20
CA GLY C 48 -45.42 -14.85 -14.07
C GLY C 48 -45.10 -14.49 -12.62
N ASN C 49 -43.94 -13.86 -12.44
CA ASN C 49 -43.54 -13.35 -11.14
C ASN C 49 -42.47 -12.32 -11.31
N ASP C 50 -42.22 -11.55 -10.26
CA ASP C 50 -41.04 -10.70 -10.19
C ASP C 50 -40.32 -10.90 -8.84
N PHE C 51 -40.28 -12.15 -8.40
CA PHE C 51 -39.59 -12.48 -7.16
C PHE C 51 -38.10 -12.14 -7.32
N TYR C 52 -37.55 -11.41 -6.35
CA TYR C 52 -36.19 -10.94 -6.44
C TYR C 52 -35.48 -11.03 -5.09
N ILE C 53 -34.19 -11.36 -5.09
CA ILE C 53 -33.40 -11.42 -3.86
C ILE C 53 -32.52 -10.19 -3.79
N ASN C 54 -32.91 -9.26 -2.93
CA ASN C 54 -32.21 -7.97 -2.82
C ASN C 54 -30.98 -8.08 -1.95
N ASN C 55 -29.90 -7.46 -2.41
CA ASN C 55 -28.65 -7.38 -1.63
C ASN C 55 -28.16 -8.73 -1.16
N PRO C 56 -28.01 -9.69 -2.10
CA PRO C 56 -27.46 -10.97 -1.72
C PRO C 56 -26.02 -10.79 -1.27
N LYS C 57 -25.66 -11.34 -0.13
CA LYS C 57 -24.25 -11.32 0.29
C LYS C 57 -23.85 -12.60 1.01
N VAL C 58 -22.55 -12.82 1.04
CA VAL C 58 -21.96 -13.94 1.75
C VAL C 58 -21.45 -13.42 3.09
N GLU C 59 -21.72 -14.15 4.16
CA GLU C 59 -21.25 -13.76 5.48
C GLU C 59 -20.56 -14.95 6.10
N LEU C 60 -19.44 -14.70 6.78
CA LEU C 60 -18.73 -15.73 7.53
C LEU C 60 -19.67 -16.23 8.61
N ASP C 61 -19.69 -17.54 8.82
CA ASP C 61 -20.53 -18.16 9.83
C ASP C 61 -19.58 -18.93 10.73
N GLY C 62 -19.07 -18.23 11.73
CA GLY C 62 -18.00 -18.77 12.58
C GLY C 62 -16.67 -18.33 12.02
N GLU C 63 -15.63 -18.39 12.85
CA GLU C 63 -14.31 -17.98 12.44
C GLU C 63 -13.69 -19.03 11.54
N PRO C 64 -12.92 -18.61 10.52
CA PRO C 64 -12.19 -19.56 9.72
C PRO C 64 -11.21 -20.37 10.58
N SER C 65 -11.07 -21.65 10.27
CA SER C 65 -10.05 -22.49 10.86
C SER C 65 -8.87 -22.47 9.89
N MET C 66 -7.67 -22.38 10.46
CA MET C 66 -6.44 -22.23 9.70
C MET C 66 -5.41 -23.23 10.14
N ASN C 67 -4.97 -24.04 9.19
CA ASN C 67 -4.00 -25.07 9.45
C ASN C 67 -2.89 -24.94 8.44
N TYR C 68 -1.66 -25.10 8.92
CA TYR C 68 -0.51 -25.20 8.04
C TYR C 68 -0.60 -26.52 7.31
N LEU C 69 -0.31 -26.51 6.02
CA LEU C 69 -0.25 -27.73 5.25
C LEU C 69 1.20 -28.18 5.15
N GLU C 70 1.40 -29.34 4.54
CA GLU C 70 2.72 -29.84 4.24
C GLU C 70 3.54 -28.78 3.50
N ASP C 71 4.75 -28.52 3.98
CA ASP C 71 5.70 -27.60 3.36
C ASP C 71 6.10 -28.06 1.98
N VAL C 72 6.24 -27.12 1.04
CA VAL C 72 6.72 -27.45 -0.30
C VAL C 72 8.25 -27.32 -0.30
N TYR C 73 8.93 -28.42 -0.56
CA TYR C 73 10.37 -28.43 -0.67
C TYR C 73 10.79 -27.83 -2.00
N VAL C 74 11.57 -26.75 -1.93
CA VAL C 74 11.98 -26.02 -3.13
C VAL C 74 13.37 -26.42 -3.60
N GLY C 75 14.32 -26.52 -2.68
CA GLY C 75 15.65 -26.90 -3.05
C GLY C 75 16.68 -26.85 -1.95
N LYS C 76 17.88 -27.32 -2.30
CA LYS C 76 19.00 -27.55 -1.41
C LYS C 76 20.23 -26.89 -2.06
N ALA C 77 21.11 -26.32 -1.25
CA ALA C 77 22.41 -25.87 -1.75
C ALA C 77 23.47 -25.90 -0.66
N LEU C 78 24.73 -25.90 -1.09
CA LEU C 78 25.86 -25.86 -0.18
C LEU C 78 26.64 -24.57 -0.43
N LEU C 79 27.24 -24.04 0.63
CA LEU C 79 28.14 -22.90 0.55
C LEU C 79 29.35 -23.23 1.38
N THR C 80 30.53 -23.24 0.75
CA THR C 80 31.75 -23.73 1.39
C THR C 80 32.79 -22.65 1.66
N ASN C 81 33.20 -22.55 2.91
CA ASN C 81 34.24 -21.62 3.33
C ASN C 81 35.50 -22.37 3.72
N ASP C 82 36.37 -22.64 2.74
CA ASP C 82 37.72 -23.20 3.00
C ASP C 82 38.77 -22.10 3.17
N THR C 83 38.53 -21.25 4.15
CA THR C 83 39.29 -20.04 4.41
C THR C 83 39.46 -19.96 5.93
N GLN C 84 40.45 -19.20 6.42
CA GLN C 84 40.80 -19.14 7.85
C GLN C 84 39.98 -18.14 8.63
N GLN C 85 39.17 -17.36 7.94
CA GLN C 85 38.26 -16.40 8.56
C GLN C 85 36.83 -16.48 7.99
N GLU C 86 35.88 -15.79 8.61
CA GLU C 86 34.52 -15.85 8.15
C GLU C 86 34.35 -15.13 6.83
N GLN C 87 33.40 -15.61 6.03
CA GLN C 87 33.17 -15.09 4.68
C GLN C 87 31.71 -14.93 4.33
N LYS C 88 31.44 -13.88 3.55
CA LYS C 88 30.13 -13.63 2.96
C LYS C 88 30.04 -14.44 1.66
N LEU C 89 29.32 -15.57 1.71
CA LEU C 89 29.12 -16.44 0.55
C LEU C 89 27.70 -16.28 -0.02
N LYS C 90 27.59 -16.25 -1.35
CA LYS C 90 26.32 -15.98 -2.04
C LYS C 90 25.69 -17.24 -2.60
N SER C 91 24.40 -17.44 -2.29
CA SER C 91 23.61 -18.50 -2.90
C SER C 91 23.27 -18.13 -4.33
N GLN C 92 22.89 -19.13 -5.12
CA GLN C 92 22.37 -18.85 -6.46
C GLN C 92 20.94 -18.32 -6.36
N SER C 93 20.57 -17.43 -7.26
CA SER C 93 19.20 -17.00 -7.35
C SER C 93 18.34 -18.16 -7.89
N PHE C 94 17.05 -18.13 -7.60
CA PHE C 94 16.15 -19.21 -8.03
C PHE C 94 14.71 -18.77 -8.16
N THR C 95 13.88 -19.66 -8.70
CA THR C 95 12.45 -19.43 -8.81
C THR C 95 11.72 -20.62 -8.24
N CYS C 96 10.49 -20.39 -7.81
CA CYS C 96 9.57 -21.47 -7.55
C CYS C 96 8.14 -21.02 -7.82
N LYS C 97 7.29 -22.00 -8.12
CA LYS C 97 5.92 -21.76 -8.52
C LYS C 97 4.97 -22.37 -7.51
N ASN C 98 3.86 -21.70 -7.31
CA ASN C 98 2.83 -22.20 -6.42
C ASN C 98 1.46 -21.72 -6.88
N THR C 99 0.44 -22.55 -6.66
CA THR C 99 -0.92 -22.19 -7.03
C THR C 99 -1.79 -21.99 -5.80
N ASP C 100 -2.34 -20.79 -5.65
CA ASP C 100 -3.32 -20.52 -4.61
C ASP C 100 -4.68 -20.93 -5.16
N THR C 101 -5.47 -21.63 -4.35
CA THR C 101 -6.77 -22.11 -4.78
C THR C 101 -7.85 -21.81 -3.77
N VAL C 102 -9.09 -21.77 -4.27
CA VAL C 102 -10.26 -21.70 -3.42
C VAL C 102 -11.37 -22.52 -4.06
N THR C 103 -12.05 -23.32 -3.24
CA THR C 103 -13.26 -23.99 -3.66
C THR C 103 -14.37 -23.60 -2.69
N ALA C 104 -15.58 -23.44 -3.24
CA ALA C 104 -16.74 -22.94 -2.49
C ALA C 104 -18.00 -23.67 -2.94
N THR C 105 -18.77 -24.16 -1.98
CA THR C 105 -19.92 -24.99 -2.25
C THR C 105 -21.12 -24.53 -1.42
N THR C 106 -22.25 -24.32 -2.09
CA THR C 106 -23.51 -24.07 -1.41
C THR C 106 -23.97 -25.43 -0.88
N THR C 107 -24.20 -25.51 0.43
CA THR C 107 -24.60 -26.76 1.10
C THR C 107 -26.10 -26.81 1.36
N HIS C 108 -26.71 -25.65 1.58
CA HIS C 108 -28.14 -25.53 1.77
C HIS C 108 -28.63 -24.30 1.04
N THR C 109 -29.36 -24.55 -0.04
CA THR C 109 -29.90 -23.46 -0.87
C THR C 109 -30.95 -22.73 -0.07
N VAL C 110 -31.43 -21.63 -0.63
CA VAL C 110 -32.52 -20.90 -0.03
C VAL C 110 -33.89 -21.25 -0.70
N GLY C 111 -33.96 -22.41 -1.35
CA GLY C 111 -35.09 -22.79 -2.19
C GLY C 111 -34.72 -22.54 -3.64
N THR C 112 -35.39 -23.23 -4.56
CA THR C 112 -34.98 -23.27 -5.95
C THR C 112 -35.52 -22.13 -6.81
N SER C 113 -36.60 -21.50 -6.38
CA SER C 113 -37.40 -20.66 -7.28
C SER C 113 -36.79 -19.32 -7.66
N ILE C 114 -35.91 -18.76 -6.83
CA ILE C 114 -35.34 -17.44 -7.11
C ILE C 114 -33.81 -17.51 -7.22
N GLN C 115 -33.29 -17.11 -8.36
CA GLN C 115 -31.86 -17.12 -8.62
C GLN C 115 -31.17 -15.92 -7.96
N ALA C 116 -29.96 -16.13 -7.45
CA ALA C 116 -29.12 -15.06 -6.94
C ALA C 116 -27.70 -15.58 -6.73
N THR C 117 -26.73 -14.71 -6.90
CA THR C 117 -25.35 -15.07 -6.54
C THR C 117 -24.69 -13.93 -5.79
N ALA C 118 -23.65 -14.26 -5.04
CA ALA C 118 -22.89 -13.28 -4.28
C ALA C 118 -21.42 -13.66 -4.24
N LYS C 119 -20.57 -12.65 -4.21
CA LYS C 119 -19.12 -12.85 -4.23
C LYS C 119 -18.59 -13.15 -2.84
N PHE C 120 -17.58 -14.00 -2.80
CA PHE C 120 -16.89 -14.34 -1.57
C PHE C 120 -15.39 -14.16 -1.73
N THR C 121 -14.80 -13.36 -0.85
CA THR C 121 -13.36 -13.19 -0.79
C THR C 121 -12.81 -14.02 0.35
N VAL C 122 -11.80 -14.86 0.11
CA VAL C 122 -11.29 -15.69 1.21
C VAL C 122 -10.66 -14.74 2.24
N PRO C 123 -10.94 -14.96 3.54
CA PRO C 123 -10.44 -14.08 4.58
C PRO C 123 -9.06 -14.52 5.11
N PHE C 124 -8.44 -13.70 5.95
CA PHE C 124 -7.06 -13.96 6.41
C PHE C 124 -6.14 -14.31 5.21
N ASN C 125 -6.09 -13.39 4.25
CA ASN C 125 -5.23 -13.47 3.10
C ASN C 125 -3.98 -12.61 3.38
N GLU C 126 -2.81 -13.22 3.21
CA GLU C 126 -1.51 -12.63 3.61
C GLU C 126 -0.52 -12.39 2.46
N THR C 127 -0.72 -13.14 1.37
CA THR C 127 0.22 -13.14 0.24
C THR C 127 -0.01 -11.85 -0.59
N GLY C 128 -1.06 -11.08 -0.27
CA GLY C 128 -1.38 -9.83 -0.99
C GLY C 128 -2.18 -10.02 -2.26
N VAL C 129 -2.46 -11.28 -2.60
CA VAL C 129 -3.14 -11.62 -3.84
C VAL C 129 -4.53 -12.05 -3.46
N SER C 130 -5.53 -11.25 -3.81
CA SER C 130 -6.92 -11.51 -3.42
C SER C 130 -7.45 -12.72 -4.19
N LEU C 131 -8.26 -13.52 -3.51
CA LEU C 131 -8.78 -14.75 -4.09
C LEU C 131 -10.29 -14.77 -3.86
N THR C 132 -11.04 -14.66 -4.96
CA THR C 132 -12.48 -14.52 -4.89
C THR C 132 -13.18 -15.65 -5.63
N THR C 133 -14.33 -16.05 -5.10
CA THR C 133 -15.27 -16.93 -5.78
C THR C 133 -16.68 -16.38 -5.66
N SER C 134 -17.67 -17.25 -5.80
CA SER C 134 -19.04 -16.85 -5.57
C SER C 134 -19.88 -18.04 -5.15
N TYR C 135 -21.06 -17.73 -4.62
CA TYR C 135 -22.03 -18.72 -4.21
C TYR C 135 -23.36 -18.53 -4.95
N SER C 136 -23.95 -19.64 -5.38
CA SER C 136 -25.34 -19.64 -5.90
C SER C 136 -26.32 -19.84 -4.76
N PHE C 137 -27.36 -19.02 -4.70
CA PHE C 137 -28.38 -19.17 -3.66
C PHE C 137 -29.37 -20.31 -3.96
N ALA C 138 -29.56 -20.64 -5.23
CA ALA C 138 -30.66 -21.55 -5.61
C ALA C 138 -30.20 -22.95 -5.90
N ASN C 139 -28.91 -23.12 -6.19
CA ASN C 139 -28.35 -24.45 -6.47
C ASN C 139 -27.14 -24.79 -5.59
N THR C 140 -26.91 -26.09 -5.41
CA THR C 140 -25.81 -26.60 -4.60
C THR C 140 -24.55 -26.72 -5.47
N ASN C 141 -24.14 -25.60 -6.05
CA ASN C 141 -23.01 -25.59 -6.94
C ASN C 141 -21.66 -25.53 -6.19
N THR C 142 -20.60 -25.84 -6.91
CA THR C 142 -19.25 -25.73 -6.40
C THR C 142 -18.48 -24.85 -7.38
N ASN C 143 -18.00 -23.70 -6.89
CA ASN C 143 -17.18 -22.78 -7.69
C ASN C 143 -15.72 -22.78 -7.23
N THR C 144 -14.79 -22.85 -8.18
CA THR C 144 -13.38 -22.81 -7.88
C THR C 144 -12.76 -21.57 -8.49
N ASN C 145 -11.57 -21.25 -8.00
CA ASN C 145 -10.72 -20.26 -8.64
C ASN C 145 -9.30 -20.56 -8.23
N SER C 146 -8.34 -20.09 -9.02
CA SER C 146 -6.94 -20.29 -8.66
C SER C 146 -6.06 -19.22 -9.26
N LYS C 147 -4.88 -19.04 -8.67
CA LYS C 147 -3.91 -18.06 -9.11
C LYS C 147 -2.52 -18.66 -8.97
N GLU C 148 -1.80 -18.70 -10.09
CA GLU C 148 -0.44 -19.22 -10.10
C GLU C 148 0.50 -18.09 -9.71
N ILE C 149 1.38 -18.36 -8.76
CA ILE C 149 2.35 -17.39 -8.29
C ILE C 149 3.75 -17.92 -8.56
N THR C 150 4.58 -17.09 -9.21
CA THR C 150 5.98 -17.45 -9.40
C THR C 150 6.84 -16.57 -8.51
N ALA C 151 7.69 -17.21 -7.73
CA ALA C 151 8.59 -16.49 -6.84
C ALA C 151 9.95 -16.35 -7.52
N ASN C 152 10.44 -15.11 -7.65
CA ASN C 152 11.83 -14.85 -8.03
C ASN C 152 12.63 -14.47 -6.79
N VAL C 153 13.54 -15.35 -6.39
CA VAL C 153 14.27 -15.18 -5.17
C VAL C 153 15.72 -14.87 -5.52
N PRO C 154 16.21 -13.70 -5.10
CA PRO C 154 17.57 -13.37 -5.49
C PRO C 154 18.58 -14.16 -4.69
N SER C 155 19.83 -14.03 -5.11
CA SER C 155 20.98 -14.51 -4.36
C SER C 155 20.88 -14.02 -2.93
N GLN C 156 21.17 -14.90 -1.97
CA GLN C 156 21.23 -14.53 -0.55
C GLN C 156 22.68 -14.53 -0.04
N ASP C 157 23.00 -13.58 0.84
CA ASP C 157 24.35 -13.50 1.43
C ASP C 157 24.37 -14.26 2.73
N ILE C 158 25.23 -15.27 2.83
CA ILE C 158 25.29 -16.06 4.04
C ILE C 158 26.67 -15.97 4.64
N LEU C 159 26.76 -15.49 5.87
CA LEU C 159 28.01 -15.37 6.53
C LEU C 159 28.34 -16.74 7.13
N VAL C 160 29.42 -17.36 6.64
CA VAL C 160 29.82 -18.70 7.05
C VAL C 160 31.10 -18.64 7.88
N PRO C 161 31.14 -19.36 9.01
CA PRO C 161 32.38 -19.36 9.77
C PRO C 161 33.53 -19.98 8.98
N ALA C 162 34.75 -19.79 9.50
CA ALA C 162 35.95 -20.31 8.89
C ALA C 162 35.94 -21.82 8.87
N ASN C 163 36.46 -22.42 7.80
CA ASN C 163 36.55 -23.88 7.66
C ASN C 163 35.23 -24.59 7.90
N THR C 164 34.20 -24.14 7.20
CA THR C 164 32.85 -24.67 7.39
C THR C 164 32.11 -24.67 6.08
N THR C 165 31.47 -25.79 5.79
CA THR C 165 30.48 -25.86 4.74
C THR C 165 29.12 -25.81 5.41
N VAL C 166 28.24 -24.98 4.87
CA VAL C 166 26.87 -24.88 5.29
C VAL C 166 25.94 -25.48 4.24
N GLU C 167 24.86 -26.11 4.69
CA GLU C 167 23.82 -26.62 3.80
C GLU C 167 22.60 -25.74 3.97
N VAL C 168 22.05 -25.25 2.87
CA VAL C 168 20.89 -24.37 2.91
C VAL C 168 19.71 -25.08 2.24
N ILE C 169 18.55 -25.08 2.90
CA ILE C 169 17.33 -25.67 2.33
C ILE C 169 16.27 -24.57 2.23
N ALA C 170 15.64 -24.42 1.05
CA ALA C 170 14.51 -23.51 0.92
C ALA C 170 13.22 -24.32 0.86
N TYR C 171 12.17 -23.84 1.55
CA TYR C 171 10.85 -24.44 1.45
C TYR C 171 9.77 -23.39 1.63
N LEU C 172 8.57 -23.68 1.12
CA LEU C 172 7.45 -22.74 1.15
C LEU C 172 6.41 -23.29 2.10
N LYS C 173 5.99 -22.48 3.07
CA LYS C 173 4.90 -22.87 3.92
C LYS C 173 3.58 -22.64 3.17
N LYS C 174 2.59 -23.45 3.50
CA LYS C 174 1.26 -23.31 2.93
C LYS C 174 0.22 -23.38 4.03
N VAL C 175 -0.79 -22.54 3.92
CA VAL C 175 -1.91 -22.53 4.85
C VAL C 175 -3.22 -22.92 4.16
N ASN C 176 -4.03 -23.68 4.89
CA ASN C 176 -5.38 -24.03 4.48
C ASN C 176 -6.34 -23.24 5.36
N VAL C 177 -7.20 -22.47 4.71
CA VAL C 177 -8.20 -21.68 5.38
C VAL C 177 -9.59 -22.21 5.00
N LYS C 178 -10.29 -22.74 6.00
CA LYS C 178 -11.57 -23.46 5.85
C LYS C 178 -12.59 -22.84 6.77
N GLY C 179 -13.85 -22.91 6.37
CA GLY C 179 -14.95 -22.48 7.22
C GLY C 179 -16.30 -22.48 6.53
N ASN C 180 -17.29 -21.97 7.27
CA ASN C 180 -18.65 -21.92 6.78
C ASN C 180 -19.07 -20.50 6.52
N VAL C 181 -20.08 -20.34 5.66
CA VAL C 181 -20.67 -19.06 5.36
C VAL C 181 -22.20 -19.18 5.40
N LYS C 182 -22.85 -18.04 5.58
CA LYS C 182 -24.29 -17.95 5.49
C LYS C 182 -24.55 -17.06 4.27
N LEU C 183 -25.52 -17.48 3.45
CA LEU C 183 -25.95 -16.71 2.28
C LEU C 183 -27.23 -15.98 2.67
N VAL C 184 -27.20 -14.66 2.66
CA VAL C 184 -28.33 -13.87 3.16
C VAL C 184 -28.78 -12.89 2.10
N GLY C 185 -30.05 -12.49 2.22
CA GLY C 185 -30.66 -11.49 1.36
C GLY C 185 -32.10 -11.21 1.75
N GLN C 186 -32.70 -10.23 1.08
CA GLN C 186 -34.09 -9.83 1.36
C GLN C 186 -34.95 -10.04 0.12
N VAL C 187 -35.93 -10.94 0.23
CA VAL C 187 -36.80 -11.27 -0.90
C VAL C 187 -37.97 -10.31 -1.02
N SER C 188 -38.19 -9.77 -2.22
CA SER C 188 -39.41 -8.99 -2.54
C SER C 188 -40.13 -9.61 -3.73
N GLY C 189 -41.30 -9.08 -4.03
CA GLY C 189 -42.01 -9.39 -5.29
C GLY C 189 -43.23 -10.26 -5.15
N SER C 190 -43.80 -10.63 -6.29
CA SER C 190 -45.11 -11.27 -6.34
C SER C 190 -45.21 -12.26 -7.49
N GLU C 191 -46.11 -13.24 -7.32
CA GLU C 191 -46.53 -14.13 -8.38
C GLU C 191 -47.94 -13.78 -8.85
N TRP C 192 -48.18 -13.87 -10.15
CA TRP C 192 -49.50 -13.69 -10.72
C TRP C 192 -49.87 -14.85 -11.64
N GLY C 193 -51.17 -15.00 -11.87
CA GLY C 193 -51.70 -16.13 -12.63
C GLY C 193 -53.20 -16.23 -12.49
N GLU C 194 -53.73 -17.45 -12.51
CA GLU C 194 -55.17 -17.65 -12.42
C GLU C 194 -55.53 -19.03 -11.92
N ILE C 195 -56.63 -19.09 -11.19
CA ILE C 195 -57.42 -20.31 -11.08
C ILE C 195 -58.41 -20.16 -12.24
N PRO C 196 -58.28 -21.00 -13.29
CA PRO C 196 -59.14 -20.85 -14.47
C PRO C 196 -60.60 -21.21 -14.21
N SER C 197 -61.48 -20.68 -15.05
CA SER C 197 -62.90 -21.01 -14.97
C SER C 197 -63.11 -22.44 -15.43
N TYR C 198 -63.86 -23.22 -14.65
CA TYR C 198 -64.20 -24.58 -15.06
C TYR C 198 -65.56 -24.63 -15.78
N LEU C 199 -66.66 -24.72 -15.04
CA LEU C 199 -67.98 -24.78 -15.67
C LEU C 199 -68.71 -23.46 -15.45
N ALA C 200 -69.49 -23.40 -14.38
CA ALA C 200 -70.11 -22.17 -13.92
C ALA C 200 -69.18 -21.45 -12.96
N PHE C 201 -68.11 -22.13 -12.54
CA PHE C 201 -67.18 -21.59 -11.55
C PHE C 201 -66.29 -20.54 -12.19
N PRO C 202 -66.22 -19.35 -11.57
CA PRO C 202 -65.56 -18.23 -12.21
C PRO C 202 -64.04 -18.32 -12.20
N ARG C 203 -63.40 -17.73 -13.19
CA ARG C 203 -61.97 -17.49 -13.16
C ARG C 203 -61.66 -16.59 -11.97
N ASP C 204 -60.52 -16.85 -11.34
CA ASP C 204 -59.97 -15.98 -10.32
C ASP C 204 -58.56 -15.58 -10.73
N GLY C 205 -58.40 -14.40 -11.32
CA GLY C 205 -57.08 -13.89 -11.69
C GLY C 205 -56.40 -13.38 -10.44
N TYR C 206 -55.18 -13.85 -10.15
CA TYR C 206 -54.56 -13.55 -8.85
C TYR C 206 -53.20 -12.88 -8.93
N LYS C 207 -52.86 -12.22 -7.84
CA LYS C 207 -51.50 -11.72 -7.61
C LYS C 207 -51.28 -11.75 -6.09
N PHE C 208 -50.30 -12.55 -5.64
CA PHE C 208 -49.94 -12.61 -4.22
C PHE C 208 -48.47 -12.28 -3.99
N SER C 209 -48.19 -11.42 -3.01
CA SER C 209 -46.82 -11.07 -2.63
C SER C 209 -46.30 -12.04 -1.60
N LEU C 210 -44.98 -12.14 -1.51
CA LEU C 210 -44.36 -13.11 -0.61
C LEU C 210 -44.50 -12.59 0.82
N SER C 211 -44.43 -11.26 0.97
CA SER C 211 -44.65 -10.61 2.26
C SER C 211 -46.05 -10.81 2.85
N ASP C 212 -47.01 -11.25 2.03
CA ASP C 212 -48.39 -11.50 2.49
C ASP C 212 -48.56 -12.91 3.09
N THR C 213 -47.61 -13.81 2.84
CA THR C 213 -47.70 -15.20 3.29
C THR C 213 -47.16 -15.47 4.71
N VAL C 214 -46.74 -14.43 5.42
CA VAL C 214 -46.20 -14.57 6.78
C VAL C 214 -46.78 -13.49 7.67
N ASN C 215 -46.54 -13.61 8.98
CA ASN C 215 -46.98 -12.61 9.94
C ASN C 215 -46.35 -11.25 9.64
N LYS C 216 -47.03 -10.17 10.03
CA LYS C 216 -46.55 -8.81 9.80
C LYS C 216 -45.26 -8.48 10.60
N SER C 217 -45.02 -9.22 11.67
CA SER C 217 -43.79 -9.06 12.47
C SER C 217 -42.55 -9.60 11.76
N ASP C 218 -42.74 -10.63 10.93
CA ASP C 218 -41.64 -11.24 10.17
C ASP C 218 -41.14 -10.37 9.01
N LEU C 219 -41.73 -9.19 8.79
CA LEU C 219 -41.35 -8.31 7.69
C LEU C 219 -40.43 -7.15 8.10
N ASN C 220 -39.50 -6.80 7.22
CA ASN C 220 -38.68 -5.60 7.39
C ASN C 220 -39.47 -4.36 7.00
N GLU C 221 -38.93 -3.18 7.30
CA GLU C 221 -39.64 -1.93 7.08
C GLU C 221 -39.70 -1.49 5.61
N ASP C 222 -39.01 -2.21 4.72
CA ASP C 222 -39.21 -1.99 3.29
C ASP C 222 -40.18 -3.02 2.67
N GLY C 223 -40.75 -3.90 3.49
CA GLY C 223 -41.70 -4.92 3.04
C GLY C 223 -41.11 -6.28 2.70
N THR C 224 -39.78 -6.38 2.70
CA THR C 224 -39.09 -7.61 2.29
C THR C 224 -39.10 -8.67 3.40
N ILE C 225 -38.67 -9.88 3.03
CA ILE C 225 -38.48 -10.97 3.97
C ILE C 225 -37.00 -11.41 3.93
N ASN C 226 -36.45 -11.69 5.11
CA ASN C 226 -35.07 -12.16 5.25
C ASN C 226 -34.98 -13.63 4.92
N ILE C 227 -34.03 -13.99 4.06
CA ILE C 227 -33.76 -15.39 3.80
C ILE C 227 -32.29 -15.73 4.07
N ASN C 228 -32.04 -17.01 4.32
CA ASN C 228 -30.71 -17.49 4.63
C ASN C 228 -30.45 -18.90 4.09
N GLY C 229 -29.31 -19.05 3.42
CA GLY C 229 -28.79 -20.37 3.02
C GLY C 229 -27.43 -20.56 3.68
N LYS C 230 -26.80 -21.70 3.39
CA LYS C 230 -25.49 -22.01 3.96
C LYS C 230 -24.54 -22.51 2.90
N GLY C 231 -23.25 -22.39 3.21
CA GLY C 231 -22.21 -22.92 2.35
C GLY C 231 -20.91 -23.09 3.11
N ASN C 232 -19.89 -23.56 2.41
CA ASN C 232 -18.55 -23.64 2.98
C ASN C 232 -17.47 -23.37 1.94
N TYR C 233 -16.23 -23.29 2.41
CA TYR C 233 -15.09 -22.96 1.56
C TYR C 233 -13.82 -23.59 2.10
N SER C 234 -12.80 -23.63 1.25
CA SER C 234 -11.51 -24.14 1.61
C SER C 234 -10.52 -23.60 0.62
N ALA C 235 -9.56 -22.82 1.12
CA ALA C 235 -8.56 -22.19 0.29
C ALA C 235 -7.14 -22.62 0.69
N VAL C 236 -6.27 -22.75 -0.30
CA VAL C 236 -4.89 -23.12 -0.07
C VAL C 236 -4.05 -21.94 -0.52
N MET C 237 -3.24 -21.41 0.40
CA MET C 237 -2.45 -20.20 0.15
C MET C 237 -1.00 -20.43 0.48
N GLY C 238 -0.11 -20.06 -0.44
CA GLY C 238 1.32 -20.04 -0.17
C GLY C 238 1.54 -18.96 0.85
N ASP C 239 2.46 -19.21 1.76
CA ASP C 239 2.66 -18.31 2.88
C ASP C 239 4.13 -17.87 2.86
N GLU C 240 4.89 -18.32 3.83
CA GLU C 240 6.18 -17.78 4.14
C GLU C 240 7.23 -18.60 3.40
N LEU C 241 8.14 -17.93 2.71
CA LEU C 241 9.29 -18.61 2.12
C LEU C 241 10.37 -18.72 3.19
N ILE C 242 10.79 -19.94 3.47
CA ILE C 242 11.74 -20.17 4.53
C ILE C 242 13.02 -20.75 4.00
N VAL C 243 14.13 -20.32 4.61
CA VAL C 243 15.44 -20.89 4.37
C VAL C 243 15.99 -21.37 5.71
N LYS C 244 16.37 -22.64 5.77
CA LYS C 244 17.03 -23.16 6.96
C LYS C 244 18.50 -23.35 6.63
N VAL C 245 19.37 -22.82 7.48
CA VAL C 245 20.80 -22.99 7.21
C VAL C 245 21.40 -23.85 8.29
N ARG C 246 22.08 -24.89 7.85
CA ARG C 246 22.65 -25.86 8.73
C ARG C 246 24.18 -25.81 8.65
N ASN C 247 24.80 -25.76 9.82
CA ASN C 247 26.25 -25.78 9.93
C ASN C 247 26.67 -27.21 9.92
N LEU C 248 27.47 -27.61 8.93
CA LEU C 248 27.81 -29.04 8.80
C LEU C 248 28.86 -29.52 9.80
N ASN C 249 29.49 -28.61 10.55
CA ASN C 249 30.40 -29.00 11.63
C ASN C 249 29.60 -29.24 12.92
N THR C 250 28.68 -28.33 13.26
CA THR C 250 27.90 -28.47 14.50
C THR C 250 26.54 -29.15 14.27
N ASN C 251 26.07 -29.14 13.03
CA ASN C 251 24.76 -29.67 12.65
C ASN C 251 23.58 -28.92 13.26
N ASN C 252 23.84 -27.74 13.80
CA ASN C 252 22.80 -26.82 14.26
C ASN C 252 22.14 -26.22 13.03
N VAL C 253 20.84 -25.94 13.14
CA VAL C 253 20.05 -25.40 12.04
C VAL C 253 19.40 -24.12 12.50
N GLN C 254 19.54 -23.05 11.72
CA GLN C 254 18.90 -21.78 12.07
C GLN C 254 17.90 -21.45 10.99
N GLU C 255 16.78 -20.83 11.41
CA GLU C 255 15.68 -20.53 10.51
C GLU C 255 15.60 -19.05 10.18
N TYR C 256 15.44 -18.74 8.89
CA TYR C 256 15.20 -17.40 8.40
C TYR C 256 13.97 -17.34 7.48
N VAL C 257 13.18 -16.27 7.59
CA VAL C 257 12.14 -15.96 6.62
C VAL C 257 12.72 -15.03 5.60
N ILE C 258 12.52 -15.32 4.31
CA ILE C 258 12.98 -14.43 3.24
C ILE C 258 11.81 -13.53 2.91
N PRO C 259 11.91 -12.24 3.24
CA PRO C 259 10.71 -11.43 3.03
C PRO C 259 10.45 -11.09 1.57
N VAL C 260 9.17 -10.84 1.28
CA VAL C 260 8.74 -10.33 -0.01
C VAL C 260 9.28 -8.90 -0.20
N ASP C 261 9.73 -8.61 -1.42
CA ASP C 261 10.05 -7.24 -1.79
C ASP C 261 8.86 -6.55 -2.46
N LYS C 262 8.41 -7.05 -3.61
CA LYS C 262 7.27 -6.40 -4.31
C LYS C 262 6.44 -7.45 -5.04
N ILE C 263 5.13 -7.19 -5.16
CA ILE C 263 4.21 -8.03 -5.91
C ILE C 263 3.63 -7.21 -7.06
N ASN C 274 0.98 -12.18 -10.04
CA ASN C 274 1.51 -13.43 -10.58
C ASN C 274 3.00 -13.63 -10.29
N ILE C 275 3.78 -12.54 -10.31
CA ILE C 275 5.22 -12.63 -10.04
C ILE C 275 5.59 -11.90 -8.75
N VAL C 276 6.14 -12.63 -7.79
CA VAL C 276 6.56 -12.07 -6.50
C VAL C 276 8.09 -12.03 -6.41
N LYS C 277 8.65 -10.83 -6.25
CA LYS C 277 10.10 -10.68 -6.09
C LYS C 277 10.43 -10.67 -4.60
N TYR C 278 11.38 -11.49 -4.20
CA TYR C 278 11.79 -11.57 -2.80
C TYR C 278 12.99 -10.67 -2.49
N ARG C 279 13.21 -10.39 -1.22
CA ARG C 279 14.37 -9.60 -0.81
C ARG C 279 15.63 -10.45 -0.86
N SER C 280 16.77 -9.76 -0.96
CA SER C 280 18.09 -10.40 -0.81
C SER C 280 18.58 -10.09 0.59
N LEU C 281 18.67 -11.13 1.43
CA LEU C 281 19.05 -10.94 2.82
C LEU C 281 20.55 -11.08 3.04
N SER C 282 21.01 -10.60 4.17
CA SER C 282 22.32 -10.94 4.67
C SER C 282 22.08 -11.71 5.94
N ILE C 283 22.45 -12.99 5.95
CA ILE C 283 22.13 -13.85 7.09
C ILE C 283 23.33 -14.59 7.64
N LYS C 284 23.32 -14.79 8.95
CA LYS C 284 24.40 -15.46 9.65
C LYS C 284 24.12 -16.95 9.78
N ALA C 285 25.07 -17.76 9.32
CA ALA C 285 25.01 -19.20 9.56
C ALA C 285 25.22 -19.45 11.05
N PRO C 286 24.80 -20.62 11.55
CA PRO C 286 25.09 -20.92 12.93
C PRO C 286 26.60 -21.04 13.13
N GLY C 287 27.09 -20.58 14.28
CA GLY C 287 28.53 -20.58 14.58
C GLY C 287 29.17 -19.20 14.50
N ILE C 288 28.38 -18.17 14.18
CA ILE C 288 28.80 -16.78 14.33
C ILE C 288 27.60 -15.91 14.74
N MET D 3 23.15 20.24 22.17
CA MET D 3 23.09 21.72 21.94
C MET D 3 21.77 22.17 21.31
N ALA D 4 21.11 21.27 20.58
CA ALA D 4 19.74 21.51 20.13
C ALA D 4 18.78 21.45 21.31
N SER D 5 17.67 22.16 21.20
CA SER D 5 16.69 22.25 22.26
C SER D 5 15.31 22.40 21.64
N TYR D 6 14.32 21.72 22.21
CA TYR D 6 12.96 21.69 21.64
C TYR D 6 11.99 22.42 22.54
N ASP D 7 11.00 23.07 21.93
CA ASP D 7 10.07 23.89 22.69
C ASP D 7 8.68 23.25 22.84
N ASN D 8 8.50 22.05 22.29
CA ASN D 8 7.19 21.42 22.34
C ASN D 8 7.28 19.90 22.41
N VAL D 9 7.20 19.41 23.62
CA VAL D 9 7.26 17.98 23.91
C VAL D 9 6.10 17.22 23.24
N ASP D 10 4.93 17.86 23.14
CA ASP D 10 3.74 17.23 22.54
C ASP D 10 3.94 16.91 21.07
N THR D 11 4.76 17.73 20.41
CA THR D 11 5.08 17.52 19.01
C THR D 11 5.90 16.24 18.85
N LEU D 12 6.81 16.00 19.78
CA LEU D 12 7.67 14.80 19.73
C LEU D 12 6.83 13.55 20.04
N ILE D 13 6.01 13.62 21.08
CA ILE D 13 5.10 12.53 21.42
C ILE D 13 4.23 12.16 20.22
N GLU D 14 3.69 13.17 19.54
CA GLU D 14 2.85 12.93 18.37
C GLU D 14 3.60 12.37 17.16
N LYS D 15 4.90 12.63 17.09
CA LYS D 15 5.70 12.10 15.98
C LYS D 15 5.91 10.63 16.22
N GLY D 16 6.27 10.28 17.46
CA GLY D 16 6.47 8.90 17.86
C GLY D 16 5.25 8.05 17.58
N ARG D 17 4.07 8.56 17.92
CA ARG D 17 2.81 7.89 17.57
C ARG D 17 2.58 7.82 16.07
N TYR D 18 2.88 8.91 15.38
CA TYR D 18 2.74 8.97 13.94
C TYR D 18 3.64 7.93 13.30
N ASN D 19 4.88 7.85 13.76
CA ASN D 19 5.86 6.89 13.24
C ASN D 19 5.42 5.47 13.43
N THR D 20 4.87 5.20 14.62
CA THR D 20 4.39 3.88 14.98
C THR D 20 3.28 3.46 14.03
N LYS D 21 2.24 4.27 13.91
CA LYS D 21 1.19 4.02 12.92
C LYS D 21 1.73 3.90 11.50
N TYR D 22 2.69 4.75 11.16
CA TYR D 22 3.23 4.79 9.82
C TYR D 22 3.91 3.49 9.44
N ASN D 23 4.83 3.04 10.29
CA ASN D 23 5.60 1.84 10.03
C ASN D 23 4.72 0.59 10.01
N TYR D 24 3.67 0.58 10.82
CA TYR D 24 2.71 -0.50 10.86
C TYR D 24 2.06 -0.67 9.48
N LEU D 25 1.71 0.44 8.85
CA LEU D 25 1.10 0.40 7.53
C LEU D 25 2.12 0.21 6.39
N LYS D 26 3.27 0.86 6.49
CA LYS D 26 4.30 0.75 5.45
C LYS D 26 4.75 -0.71 5.26
N ARG D 27 4.78 -1.47 6.35
CA ARG D 27 5.09 -2.90 6.33
C ARG D 27 4.09 -3.67 5.45
N MET D 28 2.81 -3.33 5.58
CA MET D 28 1.75 -3.96 4.81
C MET D 28 1.68 -3.45 3.35
N GLU D 29 2.29 -2.30 3.07
CA GLU D 29 2.19 -1.67 1.73
C GLU D 29 2.54 -2.61 0.56
N LYS D 30 3.48 -3.54 0.79
CA LYS D 30 3.83 -4.64 -0.11
C LYS D 30 2.86 -5.81 0.07
N TYR D 31 3.05 -6.56 1.17
CA TYR D 31 2.10 -7.65 1.55
C TYR D 31 0.68 -7.07 1.50
N MET D 36 -1.46 2.81 2.94
CA MET D 36 -1.16 4.14 3.50
C MET D 36 -2.39 5.06 3.52
N ALA D 37 -3.29 4.86 2.56
CA ALA D 37 -4.54 5.64 2.48
C ALA D 37 -5.48 5.41 3.66
N TYR D 38 -5.18 4.40 4.47
CA TYR D 38 -5.99 4.10 5.66
C TYR D 38 -5.38 4.67 6.94
N PHE D 39 -4.38 5.54 6.81
CA PHE D 39 -3.68 6.12 7.97
C PHE D 39 -4.60 6.72 9.02
N ASP D 40 -5.71 7.33 8.59
CA ASP D 40 -6.66 7.98 9.52
C ASP D 40 -7.54 6.97 10.25
N LYS D 41 -7.79 5.81 9.64
CA LYS D 41 -8.64 4.78 10.24
C LYS D 41 -7.92 3.97 11.33
N VAL D 42 -6.60 3.79 11.22
CA VAL D 42 -5.89 2.98 12.23
C VAL D 42 -5.80 3.67 13.61
N THR D 43 -6.24 2.94 14.61
CA THR D 43 -6.29 3.43 15.99
C THR D 43 -4.93 3.21 16.65
N ILE D 44 -4.55 4.12 17.53
CA ILE D 44 -3.42 3.89 18.41
C ILE D 44 -3.87 4.25 19.81
N ASN D 45 -3.61 3.35 20.76
CA ASN D 45 -4.11 3.45 22.12
C ASN D 45 -2.94 3.51 23.08
N PRO D 46 -2.52 4.72 23.45
CA PRO D 46 -1.48 4.84 24.48
C PRO D 46 -1.99 4.26 25.79
N GLN D 47 -1.13 3.54 26.52
CA GLN D 47 -1.53 2.88 27.76
C GLN D 47 -0.81 3.43 28.97
N GLY D 48 0.45 3.81 28.80
CA GLY D 48 1.20 4.46 29.85
C GLY D 48 2.43 5.20 29.33
N ASN D 49 3.16 5.82 30.25
CA ASN D 49 4.43 6.46 29.93
C ASN D 49 5.22 6.69 31.21
N ASP D 50 6.51 6.97 31.05
CA ASP D 50 7.32 7.46 32.17
C ASP D 50 8.10 8.69 31.73
N PHE D 51 7.44 9.55 30.94
CA PHE D 51 8.07 10.80 30.49
C PHE D 51 8.38 11.67 31.71
N TYR D 52 9.60 12.16 31.80
CA TYR D 52 10.04 12.93 32.96
C TYR D 52 10.95 14.10 32.54
N ILE D 53 10.83 15.23 33.24
CA ILE D 53 11.69 16.39 32.97
C ILE D 53 12.74 16.47 34.06
N ASN D 54 13.96 16.09 33.70
CA ASN D 54 15.06 16.01 34.65
C ASN D 54 15.68 17.38 34.88
N ASN D 55 15.94 17.70 36.14
CA ASN D 55 16.65 18.92 36.53
C ASN D 55 16.03 20.20 35.96
N PRO D 56 14.73 20.38 36.21
CA PRO D 56 14.08 21.58 35.73
C PRO D 56 14.64 22.77 36.47
N LYS D 57 14.98 23.83 35.74
CA LYS D 57 15.44 25.03 36.37
C LYS D 57 15.02 26.27 35.63
N VAL D 58 15.05 27.40 36.34
CA VAL D 58 14.78 28.70 35.75
C VAL D 58 16.10 29.44 35.53
N GLU D 59 16.25 30.04 34.36
CA GLU D 59 17.48 30.75 34.00
C GLU D 59 17.12 32.12 33.49
N LEU D 60 17.88 33.13 33.89
CA LEU D 60 17.68 34.48 33.39
C LEU D 60 17.92 34.46 31.89
N ASP D 61 17.08 35.17 31.16
CA ASP D 61 17.19 35.26 29.70
C ASP D 61 17.34 36.74 29.38
N GLY D 62 18.58 37.20 29.39
CA GLY D 62 18.87 38.63 29.29
C GLY D 62 19.00 39.21 30.68
N GLU D 63 19.60 40.39 30.77
CA GLU D 63 19.76 41.05 32.06
C GLU D 63 18.45 41.66 32.53
N PRO D 64 18.19 41.62 33.85
CA PRO D 64 17.00 42.31 34.37
C PRO D 64 17.08 43.81 34.08
N SER D 65 15.93 44.40 33.76
CA SER D 65 15.81 45.85 33.64
C SER D 65 15.32 46.35 35.00
N MET D 66 15.89 47.48 35.44
CA MET D 66 15.63 48.02 36.77
C MET D 66 15.28 49.48 36.68
N ASN D 67 14.08 49.80 37.17
CA ASN D 67 13.60 51.16 37.16
C ASN D 67 13.18 51.53 38.56
N TYR D 68 13.50 52.75 38.96
CA TYR D 68 13.00 53.31 40.20
C TYR D 68 11.52 53.58 40.00
N LEU D 69 10.71 53.26 40.99
CA LEU D 69 9.30 53.57 40.94
C LEU D 69 9.05 54.87 41.71
N GLU D 70 7.81 55.33 41.68
CA GLU D 70 7.40 56.47 42.47
C GLU D 70 7.78 56.27 43.93
N ASP D 71 8.41 57.28 44.52
CA ASP D 71 8.79 57.29 45.93
C ASP D 71 7.56 57.23 46.84
N VAL D 72 7.65 56.49 47.94
CA VAL D 72 6.57 56.44 48.93
C VAL D 72 6.85 57.55 49.94
N TYR D 73 5.93 58.48 50.05
CA TYR D 73 6.02 59.56 51.03
C TYR D 73 5.64 59.04 52.40
N VAL D 74 6.57 59.12 53.35
CA VAL D 74 6.38 58.57 54.68
C VAL D 74 5.94 59.64 55.69
N GLY D 75 6.58 60.80 55.66
CA GLY D 75 6.21 61.86 56.57
C GLY D 75 7.09 63.09 56.55
N LYS D 76 6.64 64.09 57.32
CA LYS D 76 7.19 65.45 57.37
C LYS D 76 7.38 65.82 58.84
N ALA D 77 8.44 66.55 59.15
CA ALA D 77 8.60 67.10 60.50
C ALA D 77 9.43 68.38 60.48
N LEU D 78 9.29 69.16 61.53
CA LEU D 78 10.06 70.39 61.71
C LEU D 78 10.94 70.24 62.95
N LEU D 79 12.09 70.88 62.91
CA LEU D 79 12.99 70.99 64.06
C LEU D 79 13.42 72.43 64.15
N THR D 80 13.14 73.07 65.28
CA THR D 80 13.33 74.51 65.44
C THR D 80 14.42 74.90 66.43
N ASN D 81 15.37 75.68 65.94
CA ASN D 81 16.45 76.19 66.75
C ASN D 81 16.30 77.71 66.97
N ASP D 82 15.55 78.11 68.01
CA ASP D 82 15.46 79.51 68.45
C ASP D 82 16.50 79.85 69.51
N THR D 83 17.76 79.67 69.14
CA THR D 83 18.90 79.75 70.02
C THR D 83 19.98 80.48 69.21
N GLN D 84 20.96 81.07 69.90
CA GLN D 84 22.00 81.91 69.26
C GLN D 84 23.16 81.11 68.70
N GLN D 85 23.18 79.81 69.00
CA GLN D 85 24.24 78.91 68.47
C GLN D 85 23.64 77.62 67.88
N GLU D 86 24.45 76.83 67.21
CA GLU D 86 23.94 75.62 66.60
C GLU D 86 23.57 74.58 67.67
N GLN D 87 22.57 73.75 67.35
CA GLN D 87 22.05 72.76 68.28
C GLN D 87 21.77 71.41 67.65
N LYS D 88 21.99 70.35 68.43
CA LYS D 88 21.65 68.99 68.07
C LYS D 88 20.18 68.76 68.45
N LEU D 89 19.31 68.79 67.45
CA LEU D 89 17.87 68.58 67.64
C LEU D 89 17.43 67.18 67.17
N LYS D 90 16.57 66.53 67.93
CA LYS D 90 16.19 65.13 67.70
C LYS D 90 14.82 65.03 67.06
N SER D 91 14.72 64.27 65.97
CA SER D 91 13.44 63.92 65.36
C SER D 91 12.73 62.88 66.20
N GLN D 92 11.42 62.76 66.00
CA GLN D 92 10.67 61.66 66.63
C GLN D 92 10.99 60.35 65.90
N SER D 93 11.01 59.25 66.63
CA SER D 93 11.10 57.95 66.01
C SER D 93 9.79 57.65 65.26
N PHE D 94 9.86 56.76 64.28
CA PHE D 94 8.67 56.42 63.51
C PHE D 94 8.75 55.02 62.89
N THR D 95 7.64 54.62 62.26
CA THR D 95 7.59 53.36 61.54
C THR D 95 7.01 53.60 60.18
N CYS D 96 7.32 52.73 59.25
CA CYS D 96 6.58 52.66 58.00
C CYS D 96 6.57 51.24 57.47
N LYS D 97 5.56 50.94 56.67
CA LYS D 97 5.32 49.60 56.19
C LYS D 97 5.44 49.59 54.68
N ASN D 98 5.95 48.50 54.15
CA ASN D 98 6.05 48.32 52.71
C ASN D 98 5.95 46.85 52.36
N THR D 99 5.35 46.56 51.21
CA THR D 99 5.23 45.18 50.75
C THR D 99 6.08 44.93 49.51
N ASP D 100 7.03 44.00 49.63
CA ASP D 100 7.81 43.56 48.47
C ASP D 100 7.01 42.49 47.77
N THR D 101 6.93 42.58 46.46
CA THR D 101 6.14 41.62 45.68
C THR D 101 6.93 41.06 44.51
N VAL D 102 6.50 39.89 44.04
CA VAL D 102 6.97 39.31 42.80
C VAL D 102 5.81 38.60 42.13
N THR D 103 5.67 38.83 40.83
CA THR D 103 4.76 38.06 40.02
C THR D 103 5.56 37.42 38.89
N ALA D 104 5.20 36.18 38.56
CA ALA D 104 5.93 35.36 37.59
C ALA D 104 4.94 34.59 36.73
N THR D 105 5.12 34.67 35.42
CA THR D 105 4.20 34.08 34.47
C THR D 105 4.95 33.28 33.40
N THR D 106 4.52 32.03 33.18
CA THR D 106 5.03 31.23 32.09
C THR D 106 4.34 31.77 30.85
N THR D 107 5.12 32.17 29.85
CA THR D 107 4.58 32.77 28.62
C THR D 107 4.56 31.76 27.47
N HIS D 108 5.51 30.83 27.48
CA HIS D 108 5.56 29.77 26.48
C HIS D 108 5.93 28.48 27.18
N THR D 109 4.93 27.58 27.28
CA THR D 109 5.11 26.31 27.94
C THR D 109 6.06 25.46 27.11
N VAL D 110 6.44 24.32 27.64
CA VAL D 110 7.28 23.40 26.91
C VAL D 110 6.42 22.27 26.28
N GLY D 111 5.13 22.51 26.13
CA GLY D 111 4.16 21.49 25.76
C GLY D 111 3.43 21.04 27.00
N THR D 112 2.23 20.50 26.81
CA THR D 112 1.31 20.21 27.92
C THR D 112 1.53 18.86 28.61
N SER D 113 2.19 17.92 27.94
CA SER D 113 2.12 16.51 28.35
C SER D 113 2.91 16.15 29.59
N ILE D 114 4.00 16.86 29.89
CA ILE D 114 4.88 16.52 31.01
C ILE D 114 4.93 17.66 32.03
N GLN D 115 4.53 17.36 33.27
CA GLN D 115 4.50 18.35 34.33
C GLN D 115 5.89 18.56 34.90
N ALA D 116 6.20 19.81 35.26
CA ALA D 116 7.42 20.14 35.99
C ALA D 116 7.35 21.57 36.53
N THR D 117 7.99 21.81 37.67
CA THR D 117 8.09 23.18 38.19
C THR D 117 9.50 23.43 38.68
N ALA D 118 9.86 24.70 38.75
CA ALA D 118 11.18 25.11 39.22
C ALA D 118 11.09 26.44 39.97
N LYS D 119 11.96 26.62 40.95
CA LYS D 119 11.97 27.83 41.78
C LYS D 119 12.73 28.96 41.10
N PHE D 120 12.25 30.18 41.32
CA PHE D 120 12.90 31.39 40.85
C PHE D 120 13.10 32.39 41.99
N THR D 121 14.34 32.82 42.18
CA THR D 121 14.68 33.88 43.13
C THR D 121 14.89 35.20 42.39
N VAL D 122 14.21 36.27 42.78
CA VAL D 122 14.40 37.52 42.05
C VAL D 122 15.84 37.98 42.24
N PRO D 123 16.50 38.42 41.15
CA PRO D 123 17.89 38.84 41.21
C PRO D 123 18.05 40.32 41.55
N PHE D 124 19.29 40.77 41.80
CA PHE D 124 19.54 42.16 42.25
C PHE D 124 18.58 42.51 43.39
N ASN D 125 18.58 41.70 44.43
CA ASN D 125 17.65 41.92 45.53
C ASN D 125 18.15 43.03 46.48
N GLU D 126 19.24 42.77 47.20
CA GLU D 126 19.92 43.77 48.05
C GLU D 126 19.12 44.26 49.27
N THR D 127 17.86 43.85 49.41
CA THR D 127 17.06 44.25 50.55
C THR D 127 17.38 43.43 51.80
N GLY D 128 18.01 42.27 51.60
CA GLY D 128 18.26 41.32 52.68
C GLY D 128 17.07 40.41 52.97
N VAL D 129 16.00 40.54 52.21
CA VAL D 129 14.86 39.64 52.30
C VAL D 129 14.69 38.96 50.94
N SER D 130 14.97 37.67 50.88
CA SER D 130 14.89 36.91 49.63
C SER D 130 13.44 36.76 49.20
N LEU D 131 13.21 36.83 47.90
CA LEU D 131 11.85 36.78 47.38
C LEU D 131 11.82 35.73 46.26
N THR D 132 11.10 34.64 46.51
CA THR D 132 11.08 33.49 45.62
C THR D 132 9.67 33.17 45.13
N THR D 133 9.60 32.71 43.87
CA THR D 133 8.38 32.14 43.30
C THR D 133 8.71 30.85 42.58
N SER D 134 7.86 30.45 41.66
CA SER D 134 8.15 29.31 40.83
C SER D 134 7.45 29.42 39.49
N TYR D 135 7.89 28.58 38.56
CA TYR D 135 7.32 28.49 37.22
C TYR D 135 6.82 27.08 36.91
N SER D 136 5.64 27.00 36.28
CA SER D 136 5.14 25.75 35.73
C SER D 136 5.66 25.58 34.30
N PHE D 137 6.17 24.40 33.98
CA PHE D 137 6.64 24.14 32.61
C PHE D 137 5.49 23.84 31.64
N ALA D 138 4.39 23.31 32.15
CA ALA D 138 3.35 22.76 31.25
C ALA D 138 2.16 23.69 31.08
N ASN D 139 1.99 24.63 32.00
CA ASN D 139 0.89 25.60 31.93
C ASN D 139 1.35 27.05 32.00
N THR D 140 0.52 27.94 31.46
CA THR D 140 0.80 29.37 31.43
C THR D 140 0.29 30.02 32.72
N ASN D 141 0.77 29.55 33.85
CA ASN D 141 0.30 30.02 35.14
C ASN D 141 0.99 31.32 35.55
N THR D 142 0.41 31.97 36.55
CA THR D 142 0.97 33.17 37.15
C THR D 142 1.08 32.92 38.64
N ASN D 143 2.29 32.95 39.16
CA ASN D 143 2.54 32.78 40.58
C ASN D 143 3.01 34.10 41.22
N THR D 144 2.44 34.42 42.37
CA THR D 144 2.84 35.61 43.11
C THR D 144 3.43 35.22 44.45
N ASN D 145 4.14 36.17 45.04
CA ASN D 145 4.54 36.06 46.42
C ASN D 145 4.76 37.49 46.94
N SER D 146 4.70 37.67 48.24
CA SER D 146 4.93 38.97 48.81
C SER D 146 5.42 38.87 50.23
N LYS D 147 6.08 39.94 50.69
CA LYS D 147 6.61 40.02 52.03
C LYS D 147 6.41 41.43 52.55
N GLU D 148 5.73 41.54 53.69
CA GLU D 148 5.47 42.82 54.32
C GLU D 148 6.67 43.16 55.19
N ILE D 149 7.19 44.37 55.03
CA ILE D 149 8.33 44.83 55.80
C ILE D 149 7.90 46.04 56.61
N THR D 150 8.19 46.02 57.91
CA THR D 150 7.94 47.17 58.76
C THR D 150 9.27 47.77 59.17
N ALA D 151 9.42 49.07 58.92
CA ALA D 151 10.64 49.78 59.26
C ALA D 151 10.43 50.46 60.61
N ASN D 152 11.31 50.18 61.56
CA ASN D 152 11.40 50.96 62.80
C ASN D 152 12.60 51.90 62.71
N VAL D 153 12.32 53.19 62.63
CA VAL D 153 13.35 54.19 62.40
C VAL D 153 13.49 55.00 63.67
N PRO D 154 14.68 54.93 64.29
CA PRO D 154 14.85 55.68 65.52
C PRO D 154 14.90 57.20 65.29
N SER D 155 14.85 57.92 66.39
CA SER D 155 15.12 59.34 66.44
C SER D 155 16.43 59.64 65.70
N GLN D 156 16.44 60.68 64.88
CA GLN D 156 17.67 61.15 64.22
C GLN D 156 18.17 62.46 64.82
N ASP D 157 19.48 62.61 64.93
CA ASP D 157 20.09 63.84 65.43
C ASP D 157 20.38 64.78 64.28
N ILE D 158 19.79 65.97 64.30
CA ILE D 158 20.03 66.91 63.22
C ILE D 158 20.66 68.19 63.79
N LEU D 159 21.85 68.51 63.31
CA LEU D 159 22.52 69.71 63.73
C LEU D 159 21.93 70.88 62.92
N VAL D 160 21.28 71.80 63.62
CA VAL D 160 20.58 72.93 63.00
C VAL D 160 21.33 74.22 63.33
N PRO D 161 21.55 75.07 62.31
CA PRO D 161 22.19 76.34 62.63
C PRO D 161 21.33 77.20 63.56
N ALA D 162 21.95 78.25 64.10
CA ALA D 162 21.29 79.19 65.01
C ALA D 162 20.16 79.91 64.30
N ASN D 163 19.07 80.16 65.02
CA ASN D 163 17.91 80.89 64.50
C ASN D 163 17.42 80.32 63.17
N THR D 164 17.17 79.01 63.17
CA THR D 164 16.74 78.32 61.97
C THR D 164 15.78 77.21 62.33
N THR D 165 14.67 77.15 61.58
CA THR D 165 13.84 75.99 61.58
C THR D 165 14.18 75.19 60.31
N VAL D 166 14.33 73.89 60.47
CA VAL D 166 14.52 72.96 59.39
C VAL D 166 13.27 72.09 59.18
N GLU D 167 12.98 71.76 57.92
CA GLU D 167 11.87 70.84 57.58
C GLU D 167 12.49 69.56 57.08
N VAL D 168 12.08 68.43 57.65
CA VAL D 168 12.62 67.14 57.32
C VAL D 168 11.51 66.29 56.66
N ILE D 169 11.82 65.67 55.52
CA ILE D 169 10.86 64.78 54.82
C ILE D 169 11.47 63.40 54.66
N ALA D 170 10.74 62.35 55.05
CA ALA D 170 11.20 60.98 54.88
C ALA D 170 10.41 60.35 53.75
N TYR D 171 11.11 59.61 52.88
CA TYR D 171 10.46 58.87 51.84
C TYR D 171 11.24 57.62 51.50
N LEU D 172 10.54 56.64 50.92
CA LEU D 172 11.14 55.33 50.65
C LEU D 172 11.25 55.18 49.15
N LYS D 173 12.44 54.88 48.65
CA LYS D 173 12.59 54.58 47.25
C LYS D 173 12.13 53.15 46.98
N LYS D 174 11.63 52.92 45.79
CA LYS D 174 11.21 51.60 45.37
C LYS D 174 11.76 51.29 43.99
N VAL D 175 12.21 50.06 43.81
CA VAL D 175 12.72 49.59 42.53
C VAL D 175 11.85 48.48 41.94
N ASN D 176 11.67 48.54 40.63
CA ASN D 176 10.99 47.51 39.87
C ASN D 176 12.03 46.76 39.09
N VAL D 177 12.10 45.45 39.32
CA VAL D 177 13.01 44.57 38.63
C VAL D 177 12.20 43.62 37.74
N LYS D 178 12.38 43.77 36.43
CA LYS D 178 11.63 43.07 35.39
C LYS D 178 12.58 42.37 34.45
N GLY D 179 12.14 41.26 33.88
CA GLY D 179 12.90 40.56 32.86
C GLY D 179 12.29 39.24 32.44
N ASN D 180 13.02 38.54 31.58
CA ASN D 180 12.60 37.28 31.06
C ASN D 180 13.43 36.15 31.62
N VAL D 181 12.85 34.95 31.62
CA VAL D 181 13.54 33.73 32.01
C VAL D 181 13.31 32.64 30.96
N LYS D 182 14.21 31.67 30.96
CA LYS D 182 14.05 30.48 30.15
C LYS D 182 13.88 29.35 31.14
N LEU D 183 12.91 28.48 30.84
CA LEU D 183 12.65 27.28 31.63
C LEU D 183 13.32 26.13 30.89
N VAL D 184 14.32 25.50 31.51
CA VAL D 184 15.09 24.46 30.86
C VAL D 184 15.06 23.17 31.66
N GLY D 185 15.30 22.07 30.95
CA GLY D 185 15.39 20.73 31.53
C GLY D 185 15.68 19.68 30.48
N GLN D 186 15.91 18.44 30.93
CA GLN D 186 16.24 17.33 30.04
C GLN D 186 15.17 16.25 30.14
N VAL D 187 14.46 16.01 29.04
CA VAL D 187 13.37 15.03 29.02
C VAL D 187 13.88 13.62 28.75
N SER D 188 13.46 12.68 29.59
CA SER D 188 13.72 11.25 29.34
C SER D 188 12.40 10.50 29.32
N GLY D 189 12.47 9.22 28.94
CA GLY D 189 11.36 8.30 29.10
C GLY D 189 10.66 7.89 27.83
N SER D 190 9.58 7.13 27.99
CA SER D 190 8.94 6.44 26.87
C SER D 190 7.44 6.34 27.08
N GLU D 191 6.71 6.23 25.97
CA GLU D 191 5.30 5.87 25.94
C GLU D 191 5.12 4.43 25.43
N TRP D 192 4.19 3.71 26.05
CA TRP D 192 3.82 2.38 25.59
C TRP D 192 2.33 2.25 25.42
N GLY D 193 1.93 1.24 24.64
CA GLY D 193 0.53 1.08 24.26
C GLY D 193 0.38 0.09 23.12
N GLU D 194 -0.61 0.29 22.25
CA GLU D 194 -0.87 -0.64 21.16
C GLU D 194 -1.63 -0.01 20.02
N ILE D 195 -1.35 -0.45 18.80
CA ILE D 195 -2.30 -0.40 17.71
C ILE D 195 -3.04 -1.72 17.83
N PRO D 196 -4.33 -1.69 18.20
CA PRO D 196 -5.06 -2.94 18.45
C PRO D 196 -5.35 -3.73 17.18
N SER D 197 -5.59 -5.03 17.34
CA SER D 197 -5.97 -5.88 16.21
C SER D 197 -7.36 -5.52 15.75
N TYR D 198 -7.52 -5.32 14.45
CA TYR D 198 -8.85 -5.01 13.91
C TYR D 198 -9.56 -6.29 13.40
N LEU D 199 -9.27 -6.73 12.19
CA LEU D 199 -9.92 -7.93 11.65
C LEU D 199 -8.89 -9.07 11.62
N ALA D 200 -8.22 -9.21 10.49
CA ALA D 200 -7.08 -10.10 10.35
C ALA D 200 -5.79 -9.35 10.67
N PHE D 201 -5.87 -8.03 10.80
CA PHE D 201 -4.70 -7.19 11.02
C PHE D 201 -4.20 -7.34 12.45
N PRO D 202 -2.91 -7.64 12.62
CA PRO D 202 -2.39 -7.99 13.92
C PRO D 202 -2.27 -6.79 14.88
N ARG D 203 -2.38 -7.07 16.18
CA ARG D 203 -2.01 -6.11 17.20
C ARG D 203 -0.52 -5.78 17.06
N ASP D 204 -0.19 -4.53 17.31
CA ASP D 204 1.20 -4.07 17.40
C ASP D 204 1.40 -3.41 18.75
N GLY D 205 1.95 -4.15 19.71
CA GLY D 205 2.24 -3.59 21.04
C GLY D 205 3.51 -2.77 20.94
N TYR D 206 3.47 -1.51 21.39
CA TYR D 206 4.60 -0.61 21.16
C TYR D 206 5.20 0.04 22.40
N LYS D 207 6.44 0.46 22.25
CA LYS D 207 7.11 1.34 23.21
C LYS D 207 8.07 2.20 22.41
N PHE D 208 7.86 3.52 22.44
CA PHE D 208 8.77 4.46 21.78
C PHE D 208 9.32 5.49 22.77
N SER D 209 10.64 5.70 22.73
CA SER D 209 11.30 6.70 23.57
C SER D 209 11.30 8.02 22.84
N LEU D 210 11.42 9.10 23.61
CA LEU D 210 11.36 10.44 23.04
C LEU D 210 12.67 10.70 22.30
N SER D 211 13.77 10.16 22.84
CA SER D 211 15.07 10.22 22.20
C SER D 211 15.14 9.53 20.82
N ASP D 212 14.18 8.67 20.50
CA ASP D 212 14.15 7.98 19.20
C ASP D 212 13.46 8.80 18.10
N THR D 213 12.74 9.86 18.49
CA THR D 213 11.98 10.68 17.52
C THR D 213 12.78 11.83 16.89
N VAL D 214 14.08 11.93 17.19
CA VAL D 214 14.92 12.99 16.67
C VAL D 214 16.25 12.42 16.21
N ASN D 215 17.06 13.22 15.55
CA ASN D 215 18.40 12.78 15.12
C ASN D 215 19.27 12.43 16.33
N LYS D 216 20.22 11.54 16.12
CA LYS D 216 21.12 11.10 17.20
C LYS D 216 22.04 12.23 17.71
N SER D 217 22.26 13.26 16.89
CA SER D 217 23.07 14.43 17.27
C SER D 217 22.33 15.33 18.27
N ASP D 218 21.00 15.37 18.18
CA ASP D 218 20.18 16.18 19.07
C ASP D 218 20.10 15.62 20.51
N LEU D 219 20.75 14.49 20.79
CA LEU D 219 20.72 13.88 22.13
C LEU D 219 21.96 14.13 22.98
N ASN D 220 21.75 14.29 24.28
CA ASN D 220 22.84 14.38 25.24
C ASN D 220 23.42 13.00 25.51
N GLU D 221 24.56 12.96 26.19
CA GLU D 221 25.26 11.69 26.42
C GLU D 221 24.62 10.80 27.49
N ASP D 222 23.57 11.29 28.16
CA ASP D 222 22.76 10.41 29.03
C ASP D 222 21.48 9.92 28.33
N GLY D 223 21.30 10.29 27.06
CA GLY D 223 20.13 9.89 26.27
C GLY D 223 18.97 10.87 26.24
N THR D 224 19.04 11.93 27.06
CA THR D 224 17.94 12.87 27.19
C THR D 224 17.89 13.87 26.04
N ILE D 225 16.80 14.63 26.00
CA ILE D 225 16.62 15.74 25.07
C ILE D 225 16.44 17.04 25.86
N ASN D 226 17.07 18.11 25.37
CA ASN D 226 16.96 19.43 25.97
C ASN D 226 15.66 20.08 25.57
N ILE D 227 14.93 20.60 26.55
CA ILE D 227 13.75 21.39 26.25
C ILE D 227 13.82 22.77 26.90
N ASN D 228 13.07 23.69 26.32
CA ASN D 228 13.09 25.08 26.76
C ASN D 228 11.72 25.74 26.62
N GLY D 229 11.30 26.38 27.70
CA GLY D 229 10.13 27.26 27.69
C GLY D 229 10.56 28.66 28.06
N LYS D 230 9.60 29.57 28.12
CA LYS D 230 9.88 30.96 28.44
C LYS D 230 8.92 31.48 29.49
N GLY D 231 9.36 32.51 30.19
CA GLY D 231 8.53 33.22 31.13
C GLY D 231 9.07 34.61 31.41
N ASN D 232 8.36 35.33 32.27
CA ASN D 232 8.83 36.63 32.71
C ASN D 232 8.46 36.89 34.16
N TYR D 233 9.00 37.97 34.70
CA TYR D 233 8.80 38.33 36.10
C TYR D 233 8.83 39.82 36.27
N SER D 234 8.34 40.27 37.42
CA SER D 234 8.32 41.66 37.77
C SER D 234 8.18 41.74 39.26
N ALA D 235 9.22 42.27 39.92
CA ALA D 235 9.24 42.40 41.36
C ALA D 235 9.35 43.87 41.79
N VAL D 236 8.68 44.19 42.90
CA VAL D 236 8.70 45.53 43.46
C VAL D 236 9.38 45.42 44.80
N MET D 237 10.48 46.15 44.98
CA MET D 237 11.29 46.08 46.20
C MET D 237 11.48 47.45 46.81
N GLY D 238 11.24 47.56 48.10
CA GLY D 238 11.59 48.75 48.83
C GLY D 238 13.10 48.83 48.85
N ASP D 239 13.62 50.04 48.75
CA ASP D 239 15.03 50.22 48.59
C ASP D 239 15.51 51.12 49.73
N GLU D 240 15.91 52.33 49.40
CA GLU D 240 16.67 53.19 50.27
C GLU D 240 15.66 54.07 51.02
N LEU D 241 15.81 54.17 52.33
CA LEU D 241 15.05 55.13 53.11
C LEU D 241 15.78 56.46 53.10
N ILE D 242 15.11 57.50 52.63
CA ILE D 242 15.76 58.78 52.45
C ILE D 242 15.11 59.83 53.31
N VAL D 243 15.96 60.73 53.82
CA VAL D 243 15.54 61.90 54.54
C VAL D 243 16.14 63.12 53.82
N LYS D 244 15.27 64.04 53.43
CA LYS D 244 15.74 65.31 52.88
C LYS D 244 15.53 66.40 53.92
N VAL D 245 16.58 67.18 54.18
CA VAL D 245 16.51 68.22 55.19
C VAL D 245 16.63 69.54 54.49
N ARG D 246 15.65 70.39 54.74
CA ARG D 246 15.58 71.67 54.12
C ARG D 246 15.76 72.78 55.16
N ASN D 247 16.65 73.71 54.87
CA ASN D 247 16.88 74.87 55.71
C ASN D 247 15.85 75.90 55.32
N LEU D 248 14.97 76.28 56.25
CA LEU D 248 13.86 77.18 55.88
C LEU D 248 14.28 78.63 55.70
N ASN D 249 15.53 78.97 56.04
CA ASN D 249 16.06 80.31 55.74
C ASN D 249 16.67 80.38 54.36
N THR D 250 17.47 79.37 53.98
CA THR D 250 18.10 79.36 52.66
C THR D 250 17.28 78.56 51.63
N ASN D 251 16.41 77.69 52.11
CA ASN D 251 15.62 76.77 51.27
C ASN D 251 16.43 75.76 50.47
N ASN D 252 17.70 75.60 50.84
CA ASN D 252 18.55 74.54 50.31
C ASN D 252 18.11 73.23 50.93
N VAL D 253 18.22 72.15 50.16
CA VAL D 253 17.81 70.81 50.60
C VAL D 253 18.97 69.87 50.49
N GLN D 254 19.25 69.13 51.56
CA GLN D 254 20.37 68.16 51.53
C GLN D 254 19.78 66.79 51.71
N GLU D 255 20.38 65.81 51.03
CA GLU D 255 19.89 64.44 51.03
C GLU D 255 20.76 63.54 51.88
N TYR D 256 20.12 62.73 52.73
CA TYR D 256 20.76 61.68 53.51
C TYR D 256 20.05 60.33 53.32
N VAL D 257 20.84 59.26 53.24
CA VAL D 257 20.30 57.89 53.32
C VAL D 257 20.40 57.44 54.77
N ILE D 258 19.31 56.90 55.32
CA ILE D 258 19.31 56.38 56.68
C ILE D 258 19.62 54.90 56.55
N PRO D 259 20.81 54.48 56.99
CA PRO D 259 21.14 53.08 56.74
C PRO D 259 20.40 52.11 57.65
N VAL D 260 20.25 50.89 57.15
CA VAL D 260 19.75 49.76 57.93
C VAL D 260 20.72 49.40 59.06
N ASP D 261 20.16 49.11 60.23
CA ASP D 261 20.84 48.44 61.34
C ASP D 261 20.08 47.12 61.53
N LYS D 262 20.41 46.06 60.81
CA LYS D 262 19.81 44.74 61.08
C LYS D 262 18.36 44.43 60.67
N ILE D 263 18.22 43.27 60.02
CA ILE D 263 16.94 42.67 59.73
C ILE D 263 16.79 41.37 60.51
N ASN D 274 10.92 40.51 58.36
CA ASN D 274 9.69 41.30 58.51
C ASN D 274 9.90 42.65 59.19
N ILE D 275 10.77 42.72 60.19
CA ILE D 275 11.04 43.97 60.91
C ILE D 275 12.47 44.44 60.68
N VAL D 276 12.62 45.62 60.08
CA VAL D 276 13.93 46.19 59.81
C VAL D 276 14.19 47.40 60.73
N LYS D 277 15.25 47.33 61.53
CA LYS D 277 15.61 48.44 62.40
C LYS D 277 16.63 49.30 61.68
N TYR D 278 16.37 50.61 61.63
CA TYR D 278 17.30 51.55 61.01
C TYR D 278 18.32 52.14 61.99
N ARG D 279 19.40 52.69 61.46
CA ARG D 279 20.37 53.38 62.29
C ARG D 279 19.85 54.75 62.73
N SER D 280 20.42 55.25 63.83
CA SER D 280 20.20 56.62 64.29
C SER D 280 21.40 57.43 63.86
N LEU D 281 21.20 58.35 62.92
CA LEU D 281 22.30 59.14 62.39
C LEU D 281 22.50 60.43 63.17
N SER D 282 23.67 61.02 62.96
CA SER D 282 23.89 62.39 63.32
C SER D 282 24.13 63.12 62.02
N ILE D 283 23.23 64.03 61.69
CA ILE D 283 23.22 64.69 60.39
C ILE D 283 23.30 66.19 60.49
N LYS D 284 24.00 66.80 59.53
CA LYS D 284 24.09 68.26 59.46
C LYS D 284 23.05 68.83 58.51
N ALA D 285 22.26 69.77 59.01
CA ALA D 285 21.34 70.53 58.16
C ALA D 285 22.16 71.43 57.25
N PRO D 286 21.58 71.88 56.13
CA PRO D 286 22.32 72.83 55.32
C PRO D 286 22.53 74.12 56.11
N GLY D 287 23.69 74.74 55.93
CA GLY D 287 24.04 75.98 56.63
C GLY D 287 25.02 75.80 57.77
N ILE D 288 25.45 74.56 58.04
CA ILE D 288 26.46 74.37 59.08
C ILE D 288 27.81 74.85 58.54
C1 BOG E . -47.34 -45.44 -1.70
O1 BOG E . -48.17 -46.55 -1.86
C2 BOG E . -48.08 -44.40 -0.86
O2 BOG E . -49.21 -43.95 -1.60
C3 BOG E . -47.19 -43.21 -0.51
O3 BOG E . -47.83 -42.38 0.45
C4 BOG E . -45.83 -43.67 0.02
O4 BOG E . -44.97 -42.54 0.15
C5 BOG E . -45.23 -44.67 -0.95
O5 BOG E . -46.12 -45.79 -1.06
C6 BOG E . -43.88 -45.21 -0.53
O6 BOG E . -43.21 -45.86 -1.61
C1' BOG E . -47.56 -47.63 -2.56
C2' BOG E . -48.57 -48.74 -2.79
C3' BOG E . -48.30 -49.50 -4.07
C4' BOG E . -48.86 -50.89 -4.11
C5' BOG E . -48.83 -51.52 -5.50
C6' BOG E . -50.13 -51.41 -6.23
C7' BOG E . -49.97 -51.30 -7.72
C8' BOG E . -51.24 -51.43 -8.48
P PO4 F . -11.01 -4.28 -30.83
O1 PO4 F . -11.06 -3.00 -31.67
O2 PO4 F . -10.39 -4.04 -29.48
O3 PO4 F . -10.16 -5.29 -31.55
O4 PO4 F . -12.42 -4.80 -30.67
C1 BOG G . 27.38 12.90 -51.13
O1 BOG G . 26.33 12.81 -52.05
C2 BOG G . 28.63 12.27 -51.73
O2 BOG G . 28.42 10.87 -51.91
C3 BOG G . 29.83 12.48 -50.82
O3 BOG G . 31.02 12.06 -51.48
C4 BOG G . 29.98 13.94 -50.39
O4 BOG G . 30.94 14.04 -49.36
C5 BOG G . 28.65 14.48 -49.87
O5 BOG G . 27.62 14.27 -50.84
C6 BOG G . 28.68 15.97 -49.61
O6 BOG G . 27.84 16.32 -48.52
C1' BOG G . 25.06 13.19 -51.51
C2' BOG G . 23.97 13.28 -52.55
C3' BOG G . 22.58 13.30 -51.93
C4' BOG G . 21.43 13.02 -52.88
C5' BOG G . 20.04 13.39 -52.29
C6' BOG G . 19.30 12.26 -51.61
C7' BOG G . 18.72 11.24 -52.55
C8' BOG G . 18.05 10.04 -51.86
P PO4 H . 43.74 6.25 8.95
O1 PO4 H . 43.11 5.03 8.31
O2 PO4 H . 42.69 7.25 9.33
O3 PO4 H . 44.67 6.93 7.96
O4 PO4 H . 44.52 5.76 10.16
C1 BOG I . 14.83 -23.98 -8.15
O1 BOG I . 16.07 -24.12 -7.52
C2 BOG I . 15.09 -23.61 -9.60
O2 BOG I . 15.60 -22.29 -9.66
C3 BOG I . 13.83 -23.67 -10.45
O3 BOG I . 14.16 -23.51 -11.84
C4 BOG I . 13.05 -24.95 -10.20
O4 BOG I . 11.82 -24.91 -10.91
C5 BOG I . 12.80 -25.05 -8.70
O5 BOG I . 14.06 -25.17 -8.03
C6 BOG I . 11.94 -26.23 -8.31
O6 BOG I . 12.67 -27.29 -7.72
C1' BOG I . 16.02 -24.10 -6.09
C2' BOG I . 17.38 -23.80 -5.49
C3' BOG I . 17.34 -23.90 -3.98
C4' BOG I . 18.48 -23.25 -3.24
C5' BOG I . 18.14 -22.85 -1.80
C6' BOG I . 19.16 -21.93 -1.20
C7' BOG I . 18.80 -20.48 -1.25
C8' BOG I . 19.50 -19.68 -0.21
P PO4 J . -44.85 -5.94 -6.93
O1 PO4 J . -44.88 -6.53 -8.33
O2 PO4 J . -43.53 -5.24 -6.72
O3 PO4 J . -45.01 -7.06 -5.93
O4 PO4 J . -45.97 -4.94 -6.74
C1 BOG K . 5.10 57.70 60.45
O1 BOG K . 5.57 58.97 60.80
C2 BOG K . 4.40 57.10 61.67
O2 BOG K . 5.39 56.72 62.63
C3 BOG K . 3.55 55.89 61.33
O3 BOG K . 2.72 55.54 62.43
C4 BOG K . 2.68 56.15 60.09
O4 BOG K . 1.97 54.98 59.70
C5 BOG K . 3.59 56.63 58.96
O5 BOG K . 4.22 57.85 59.36
C6 BOG K . 2.86 56.91 57.67
O6 BOG K . 3.75 56.86 56.55
C1' BOG K . 6.65 59.44 60.00
C2' BOG K . 7.00 60.86 60.37
C3' BOG K . 8.48 61.19 60.28
C4' BOG K . 8.81 62.25 59.26
C5' BOG K . 10.09 63.03 59.54
C6' BOG K . 11.38 62.25 59.36
C7' BOG K . 12.44 62.63 60.37
C8' BOG K . 13.75 61.90 60.23
P PO4 L . 12.59 3.81 29.62
O1 PO4 L . 13.25 2.44 29.50
O2 PO4 L . 11.11 3.71 29.96
O3 PO4 L . 12.77 4.52 28.30
O4 PO4 L . 13.26 4.55 30.76
#